data_3KLD
#
_entry.id   3KLD
#
_cell.length_a   100.432
_cell.length_b   138.957
_cell.length_c   50.565
_cell.angle_alpha   90.000
_cell.angle_beta   90.000
_cell.angle_gamma   90.000
#
_symmetry.space_group_name_H-M   'P 21 21 2'
#
loop_
_entity.id
_entity.type
_entity.pdbx_description
1 polymer 'Contactin 4'
2 polymer 'Receptor-type tyrosine-protein phosphatase gamma'
3 non-polymer 2-acetamido-2-deoxy-beta-D-glucopyranose
4 water water
#
loop_
_entity_poly.entity_id
_entity_poly.type
_entity_poly.pdbx_seq_one_letter_code
_entity_poly.pdbx_strand_id
1 'polypeptide(L)'
;GPGSGPVFVQEPSHVMFPLDSEEKKVKLSCEVKGNPKPHIRWKLNGTDVDIGMDFRYSVVDGSLLINNPNKTQDAGTYQC
IATNSFGTIVSREAKLQFAYLENFKTRTRSTVSVRRGQGMVLLCGPPPHSGELSYAWIFNEYPSYQDNRRFVSQETGNLY
IAKVEKSDVGNYTCVVTNTVTNHKVLGPPTPLILRNDGVMGEYEPKIEVQFPETVPAEKGTTVKLECFALGNPVPTILWR
RADGKPIARKARRHKSNGILEIPNFQQEDAGSYECVAENSRGKNVAKGQLTFYAQPNWVQIINDIHVAMEESVFWECKAN
GRPKPTYRWLKNGDPLLTRDRIQIEQGTLNITIVNLSDAGMYQCVAENKHGVIFSSAELSVIAE
;
A
2 'polypeptide(L)'
;GPGSGDPYWAYSGAYGPEHWVTSSVSCGGSHQSPIDILDHHARVGDEYQELQLDGFDNESSNKTWMKNTGKTVAILLKDD
YFVSGAGLPGRFKAEKVEFHWGHSNGSAGSEHSVNGRRFPVEMQIFFYNPDDFDSFQTAISENRIIGAMAIFFQVSPRDN
SALDPIIHGLKGVVHHEKETFLDPFILRDLLPASLGSYYRYTGSLTTPPCSEIVEWIVFRRPVPISYHQLEAFYSIFTTE
QQDHVKSVEYLRNNFRPQQALNDRVVSKS
;
B
#
# COMPACT_ATOMS: atom_id res chain seq x y z
N GLY A 3 23.58 -23.87 46.58
CA GLY A 3 24.40 -24.23 45.44
C GLY A 3 23.57 -24.39 44.17
N SER A 4 23.07 -23.28 43.60
CA SER A 4 22.38 -23.38 42.29
C SER A 4 22.33 -22.07 41.50
N GLY A 5 22.45 -22.20 40.18
CA GLY A 5 22.34 -21.08 39.26
C GLY A 5 20.90 -20.58 39.18
N PRO A 6 20.70 -19.45 38.50
CA PRO A 6 19.38 -18.82 38.44
C PRO A 6 18.36 -19.66 37.68
N VAL A 7 17.16 -19.70 38.26
CA VAL A 7 15.96 -20.34 37.72
C VAL A 7 14.84 -19.33 37.68
N PHE A 8 14.16 -19.22 36.53
CA PHE A 8 13.06 -18.29 36.46
C PHE A 8 11.86 -18.77 37.26
N VAL A 9 11.39 -17.94 38.18
CA VAL A 9 10.18 -18.16 38.94
C VAL A 9 9.02 -17.39 38.29
N GLN A 10 9.37 -16.23 37.76
CA GLN A 10 8.38 -15.41 37.06
C GLN A 10 9.13 -14.67 35.97
N GLU A 11 9.17 -15.30 34.80
CA GLU A 11 9.84 -14.71 33.64
C GLU A 11 8.98 -13.61 33.03
N PRO A 12 9.58 -12.52 32.55
CA PRO A 12 8.79 -11.43 31.96
C PRO A 12 7.70 -11.92 31.01
N SER A 13 6.47 -11.49 31.23
CA SER A 13 5.37 -11.77 30.32
C SER A 13 4.89 -10.50 29.67
N HIS A 14 4.29 -10.61 28.48
CA HIS A 14 3.63 -9.47 27.83
C HIS A 14 2.65 -8.76 28.77
N VAL A 15 2.72 -7.42 28.79
CA VAL A 15 1.81 -6.64 29.63
C VAL A 15 1.00 -5.68 28.76
N MET A 16 -0.31 -5.73 28.95
CA MET A 16 -1.19 -4.77 28.32
C MET A 16 -1.62 -3.80 29.40
N PHE A 17 -1.25 -2.55 29.23
CA PHE A 17 -1.65 -1.51 30.13
C PHE A 17 -2.67 -0.64 29.39
N PRO A 18 -3.86 -0.46 29.97
CA PRO A 18 -4.87 0.48 29.45
C PRO A 18 -4.46 1.90 29.77
N LEU A 19 -4.24 2.76 28.77
CA LEU A 19 -3.69 4.09 29.02
C LEU A 19 -4.56 4.92 29.99
N ASP A 20 -5.87 4.77 29.88
CA ASP A 20 -6.76 5.50 30.76
C ASP A 20 -7.12 4.65 31.95
N SER A 21 -6.11 3.97 32.48
CA SER A 21 -6.27 3.17 33.68
C SER A 21 -6.33 4.10 34.87
N GLU A 22 -6.25 3.53 36.06
CA GLU A 22 -6.22 4.33 37.27
C GLU A 22 -4.92 4.08 38.02
N GLU A 23 -4.18 3.06 37.60
CA GLU A 23 -2.87 2.79 38.19
C GLU A 23 -1.78 3.62 37.56
N LYS A 24 -1.09 4.39 38.38
CA LYS A 24 0.03 5.19 37.89
C LYS A 24 1.24 4.30 37.70
N LYS A 25 1.01 3.00 37.64
CA LYS A 25 2.14 2.07 37.61
C LYS A 25 1.86 0.77 36.84
N VAL A 26 2.89 0.29 36.18
CA VAL A 26 2.84 -1.01 35.55
C VAL A 26 4.00 -1.84 36.08
N LYS A 27 3.83 -3.16 36.04
CA LYS A 27 4.86 -4.07 36.53
C LYS A 27 5.33 -5.01 35.44
N LEU A 28 6.65 -5.13 35.30
CA LEU A 28 7.28 -6.14 34.46
C LEU A 28 8.02 -7.14 35.35
N SER A 29 7.59 -8.40 35.29
CA SER A 29 8.08 -9.41 36.22
C SER A 29 9.44 -9.94 35.80
N CYS A 30 10.29 -10.17 36.79
CA CYS A 30 11.51 -10.94 36.59
C CYS A 30 11.91 -11.48 37.93
N GLU A 31 11.19 -12.50 38.37
CA GLU A 31 11.53 -13.09 39.66
C GLU A 31 12.32 -14.35 39.39
N VAL A 32 13.46 -14.47 40.06
CA VAL A 32 14.41 -15.53 39.78
C VAL A 32 14.90 -16.10 41.08
N LYS A 33 15.14 -17.41 41.11
CA LYS A 33 15.63 -18.03 42.33
C LYS A 33 16.98 -18.69 42.07
N GLY A 34 17.94 -18.40 42.93
CA GLY A 34 19.22 -19.09 42.93
C GLY A 34 19.84 -19.04 44.32
N ASN A 35 20.85 -19.86 44.57
CA ASN A 35 21.73 -19.74 45.74
C ASN A 35 23.18 -19.73 45.29
N PRO A 36 23.81 -18.56 45.32
CA PRO A 36 23.30 -17.30 45.90
C PRO A 36 22.22 -16.61 45.08
N LYS A 37 21.50 -15.73 45.76
CA LYS A 37 20.49 -14.91 45.17
C LYS A 37 21.09 -14.12 44.01
N PRO A 38 20.46 -14.25 42.83
CA PRO A 38 20.92 -13.64 41.58
C PRO A 38 20.73 -12.10 41.57
N HIS A 39 21.56 -11.40 40.81
CA HIS A 39 21.28 -10.00 40.56
C HIS A 39 20.70 -9.91 39.17
N ILE A 40 19.86 -8.91 38.98
CA ILE A 40 19.02 -8.82 37.82
C ILE A 40 19.16 -7.47 37.10
N ARG A 41 19.24 -7.50 35.79
CA ARG A 41 19.19 -6.28 35.04
C ARG A 41 18.14 -6.32 33.94
N TRP A 42 17.73 -5.13 33.52
CA TRP A 42 16.66 -4.98 32.56
C TRP A 42 17.16 -4.32 31.27
N LYS A 43 16.64 -4.81 30.13
CA LYS A 43 16.82 -4.17 28.82
C LYS A 43 15.52 -3.65 28.21
N LEU A 44 15.60 -2.57 27.44
CA LEU A 44 14.44 -2.11 26.70
C LEU A 44 14.88 -1.69 25.31
N ASN A 45 14.27 -2.29 24.30
CA ASN A 45 14.70 -2.10 22.92
C ASN A 45 16.20 -2.27 22.78
N GLY A 46 16.75 -3.25 23.48
CA GLY A 46 18.14 -3.60 23.31
C GLY A 46 19.15 -2.73 24.03
N THR A 47 18.68 -1.78 24.82
CA THR A 47 19.59 -0.93 25.62
C THR A 47 19.22 -1.12 27.07
N ASP A 48 20.16 -0.86 27.96
CA ASP A 48 19.91 -1.11 29.38
C ASP A 48 19.10 -0.05 30.06
N VAL A 49 18.25 -0.52 30.96
CA VAL A 49 17.40 0.33 31.76
C VAL A 49 18.22 0.80 32.95
N ASP A 50 18.63 2.04 32.88
CA ASP A 50 19.41 2.63 33.95
C ASP A 50 18.42 3.19 34.97
N ILE A 51 18.17 2.43 36.02
CA ILE A 51 17.19 2.83 37.02
C ILE A 51 17.42 4.22 37.59
N ARG A 56 12.46 7.50 37.71
CA ARG A 56 11.15 7.00 38.15
C ARG A 56 10.97 5.47 38.01
N TYR A 57 12.02 4.80 37.58
CA TYR A 57 12.01 3.35 37.54
C TYR A 57 12.40 2.81 38.89
N SER A 58 11.76 1.71 39.25
CA SER A 58 11.99 1.01 40.49
C SER A 58 12.27 -0.45 40.17
N VAL A 59 12.98 -1.17 41.04
CA VAL A 59 13.15 -2.62 40.87
C VAL A 59 12.97 -3.36 42.20
N VAL A 60 11.87 -4.10 42.32
CA VAL A 60 11.59 -4.82 43.54
C VAL A 60 11.59 -6.33 43.32
N ASP A 61 12.45 -7.03 44.05
CA ASP A 61 12.58 -8.48 43.86
C ASP A 61 12.76 -8.82 42.38
N GLY A 62 13.62 -8.05 41.71
CA GLY A 62 13.90 -8.26 40.31
C GLY A 62 12.88 -7.67 39.34
N SER A 63 11.68 -7.37 39.83
CA SER A 63 10.63 -6.88 38.94
C SER A 63 10.71 -5.37 38.72
N LEU A 64 10.61 -4.96 37.46
CA LEU A 64 10.70 -3.56 37.07
C LEU A 64 9.35 -2.87 37.29
N LEU A 65 9.34 -1.86 38.16
CA LEU A 65 8.15 -1.08 38.45
C LEU A 65 8.28 0.29 37.88
N ILE A 66 7.33 0.64 37.03
CA ILE A 66 7.30 1.97 36.42
C ILE A 66 6.18 2.83 37.00
N ASN A 67 6.54 3.92 37.66
CA ASN A 67 5.53 4.90 38.04
C ASN A 67 5.30 5.86 36.88
N ASN A 68 4.06 6.29 36.73
CA ASN A 68 3.70 7.21 35.65
C ASN A 68 4.08 6.65 34.29
N PRO A 69 3.56 5.47 33.95
CA PRO A 69 3.84 4.89 32.63
C PRO A 69 3.47 5.86 31.53
N ASN A 70 4.23 5.87 30.45
CA ASN A 70 4.02 6.84 29.37
C ASN A 70 4.34 6.17 28.04
N LYS A 71 3.32 5.96 27.22
CA LYS A 71 3.48 5.28 25.94
C LYS A 71 4.84 5.60 25.30
N THR A 72 5.14 6.89 25.21
CA THR A 72 6.33 7.34 24.51
C THR A 72 7.66 6.80 25.03
N GLN A 73 7.89 6.92 26.33
CA GLN A 73 9.15 6.47 26.92
C GLN A 73 9.16 4.98 27.32
N ASP A 74 7.98 4.42 27.59
CA ASP A 74 7.89 3.09 28.21
C ASP A 74 7.46 1.96 27.28
N ALA A 75 6.65 2.25 26.27
CA ALA A 75 6.23 1.20 25.31
C ALA A 75 7.45 0.60 24.59
N GLY A 76 7.51 -0.72 24.48
CA GLY A 76 8.61 -1.38 23.79
C GLY A 76 8.83 -2.82 24.21
N THR A 77 9.97 -3.40 23.80
CA THR A 77 10.32 -4.79 24.08
C THR A 77 11.32 -4.89 25.25
N TYR A 78 10.93 -5.54 26.34
CA TYR A 78 11.79 -5.67 27.52
C TYR A 78 12.38 -7.06 27.62
N GLN A 79 13.44 -7.18 28.40
CA GLN A 79 14.08 -8.47 28.65
C GLN A 79 14.86 -8.33 29.93
N CYS A 80 14.90 -9.38 30.75
CA CYS A 80 15.76 -9.32 31.91
C CYS A 80 16.85 -10.39 31.80
N ILE A 81 17.91 -10.19 32.59
CA ILE A 81 19.08 -11.04 32.60
C ILE A 81 19.45 -11.24 34.05
N ALA A 82 19.57 -12.49 34.47
CA ALA A 82 19.81 -12.82 35.87
C ALA A 82 21.14 -13.51 36.00
N THR A 83 21.90 -13.14 37.01
CA THR A 83 23.22 -13.68 37.18
C THR A 83 23.51 -13.99 38.63
N ASN A 84 24.08 -15.15 38.90
CA ASN A 84 24.79 -15.37 40.16
C ASN A 84 26.13 -16.06 39.94
N SER A 85 26.77 -16.53 41.00
CA SER A 85 28.13 -17.09 40.85
C SER A 85 28.19 -18.29 39.91
N PHE A 86 27.09 -19.03 39.79
CA PHE A 86 27.05 -20.18 38.88
C PHE A 86 26.76 -19.85 37.41
N GLY A 87 26.36 -18.61 37.14
CA GLY A 87 26.26 -18.15 35.77
C GLY A 87 25.06 -17.29 35.47
N THR A 88 24.78 -17.13 34.20
CA THR A 88 23.81 -16.17 33.71
C THR A 88 22.76 -16.75 32.76
N ILE A 89 21.50 -16.34 32.93
CA ILE A 89 20.48 -16.65 31.94
C ILE A 89 19.79 -15.36 31.42
N VAL A 90 19.33 -15.41 30.18
CA VAL A 90 18.51 -14.35 29.59
C VAL A 90 17.04 -14.75 29.47
N SER A 91 16.13 -13.82 29.74
CA SER A 91 14.68 -14.09 29.63
C SER A 91 14.18 -14.03 28.20
N ARG A 92 13.00 -14.57 27.97
CA ARG A 92 12.29 -14.29 26.73
C ARG A 92 12.05 -12.79 26.69
N GLU A 93 11.77 -12.25 25.51
CA GLU A 93 11.34 -10.86 25.35
C GLU A 93 9.87 -10.70 25.73
N ALA A 94 9.52 -9.54 26.30
CA ALA A 94 8.13 -9.28 26.63
C ALA A 94 7.79 -7.88 26.17
N LYS A 95 6.67 -7.72 25.49
CA LYS A 95 6.24 -6.40 25.06
C LYS A 95 5.31 -5.71 26.07
N LEU A 96 5.64 -4.47 26.39
CA LEU A 96 4.77 -3.63 27.18
C LEU A 96 4.01 -2.77 26.20
N GLN A 97 2.69 -2.87 26.25
CA GLN A 97 1.86 -2.25 25.26
C GLN A 97 0.87 -1.35 25.96
N PHE A 98 0.73 -0.13 25.47
CA PHE A 98 -0.29 0.76 25.98
C PHE A 98 -1.47 0.67 25.03
N ALA A 99 -2.59 0.15 25.52
CA ALA A 99 -3.81 0.04 24.73
C ALA A 99 -4.71 1.29 24.88
N TYR A 100 -4.99 1.96 23.78
CA TYR A 100 -5.78 3.18 23.87
C TYR A 100 -6.58 3.45 22.61
N LEU A 101 -7.54 4.36 22.71
CA LEU A 101 -8.29 4.85 21.53
C LEU A 101 -8.77 6.29 21.69
N GLU A 102 -8.19 7.21 20.94
CA GLU A 102 -8.57 8.61 21.09
C GLU A 102 -9.95 8.97 20.49
N ASN A 103 -10.46 10.14 20.84
CA ASN A 103 -11.68 10.58 20.20
C ASN A 103 -11.32 11.08 18.82
N PHE A 104 -12.32 11.16 17.95
CA PHE A 104 -12.13 11.77 16.67
C PHE A 104 -11.90 13.25 16.94
N LYS A 105 -10.91 13.86 16.28
CA LYS A 105 -10.59 15.26 16.49
C LYS A 105 -11.68 16.18 15.97
N THR A 106 -11.72 16.34 14.66
CA THR A 106 -12.69 17.26 14.05
C THR A 106 -14.11 16.78 14.36
N ARG A 107 -14.96 17.70 14.78
CA ARG A 107 -16.32 17.34 15.14
C ARG A 107 -17.29 17.65 14.02
N THR A 108 -16.79 17.79 12.79
CA THR A 108 -17.64 18.28 11.73
C THR A 108 -17.35 17.69 10.33
N ARG A 109 -18.39 17.14 9.71
CA ARG A 109 -18.28 16.62 8.36
C ARG A 109 -19.03 17.50 7.35
N SER A 110 -18.44 17.70 6.19
CA SER A 110 -19.16 18.37 5.11
C SER A 110 -20.26 17.43 4.60
N THR A 111 -21.35 18.02 4.15
CA THR A 111 -22.38 17.27 3.50
C THR A 111 -21.75 16.77 2.23
N VAL A 112 -22.04 15.53 1.88
CA VAL A 112 -21.52 14.98 0.65
C VAL A 112 -22.68 14.56 -0.26
N SER A 113 -22.48 14.66 -1.56
CA SER A 113 -23.52 14.31 -2.50
C SER A 113 -23.02 13.23 -3.45
N VAL A 114 -23.84 12.24 -3.65
CA VAL A 114 -23.56 11.16 -4.57
C VAL A 114 -24.80 10.94 -5.46
N ARG A 115 -24.60 10.33 -6.63
CA ARG A 115 -25.63 10.19 -7.63
C ARG A 115 -26.25 8.79 -7.54
N ARG A 116 -27.54 8.68 -7.82
CA ARG A 116 -28.16 7.37 -7.75
C ARG A 116 -27.47 6.43 -8.69
N GLY A 117 -27.24 5.20 -8.23
CA GLY A 117 -26.52 4.23 -9.04
C GLY A 117 -25.01 4.25 -8.87
N GLN A 118 -24.48 5.24 -8.16
CA GLN A 118 -23.04 5.40 -8.07
C GLN A 118 -22.43 4.52 -6.95
N GLY A 119 -21.19 4.07 -7.15
CA GLY A 119 -20.48 3.36 -6.10
C GLY A 119 -19.69 4.35 -5.26
N MET A 120 -19.67 4.11 -3.95
CA MET A 120 -18.93 4.96 -3.02
C MET A 120 -18.43 4.24 -1.77
N VAL A 121 -17.49 4.87 -1.10
CA VAL A 121 -16.99 4.44 0.20
C VAL A 121 -17.13 5.61 1.18
N LEU A 122 -17.73 5.32 2.32
CA LEU A 122 -17.68 6.23 3.45
C LEU A 122 -16.46 5.84 4.29
N LEU A 123 -15.56 6.78 4.52
CA LEU A 123 -14.32 6.52 5.20
C LEU A 123 -14.48 6.69 6.70
N CYS A 124 -14.00 5.72 7.47
CA CYS A 124 -14.05 5.83 8.91
C CYS A 124 -13.03 6.85 9.39
N GLY A 125 -11.78 6.64 9.02
CA GLY A 125 -10.72 7.51 9.50
C GLY A 125 -10.58 7.46 11.01
N PRO A 126 -10.32 6.28 11.54
CA PRO A 126 -10.23 6.03 12.97
C PRO A 126 -9.13 6.88 13.59
N PRO A 127 -9.31 7.31 14.84
CA PRO A 127 -8.34 8.13 15.56
C PRO A 127 -7.13 7.29 15.96
N PRO A 128 -6.04 7.95 16.39
CA PRO A 128 -4.88 7.26 16.95
C PRO A 128 -5.32 6.28 18.05
N HIS A 129 -4.71 5.12 18.03
CA HIS A 129 -5.10 4.05 18.91
C HIS A 129 -3.97 3.07 18.98
N SER A 130 -4.05 2.17 19.95
CA SER A 130 -3.19 1.02 19.98
C SER A 130 -4.03 -0.15 20.47
N GLY A 131 -4.00 -1.24 19.72
CA GLY A 131 -4.82 -2.38 20.01
C GLY A 131 -5.72 -2.61 18.82
N GLU A 132 -6.17 -3.84 18.64
CA GLU A 132 -7.02 -4.18 17.52
C GLU A 132 -8.40 -3.51 17.65
N LEU A 133 -8.88 -2.96 16.54
CA LEU A 133 -10.14 -2.23 16.51
C LEU A 133 -11.18 -3.06 15.77
N SER A 134 -12.44 -2.95 16.15
CA SER A 134 -13.50 -3.46 15.28
C SER A 134 -14.48 -2.34 14.94
N TYR A 135 -15.27 -2.51 13.88
CA TYR A 135 -16.06 -1.40 13.36
C TYR A 135 -17.52 -1.69 13.08
N ALA A 136 -18.35 -0.66 13.27
CA ALA A 136 -19.76 -0.69 12.91
C ALA A 136 -20.17 0.73 12.47
N TRP A 137 -21.22 0.85 11.67
CA TRP A 137 -21.74 2.17 11.32
C TRP A 137 -23.16 2.32 11.79
N ILE A 138 -23.56 3.57 12.02
CA ILE A 138 -24.94 3.91 12.33
C ILE A 138 -25.51 4.73 11.20
N PHE A 139 -26.65 4.31 10.66
CA PHE A 139 -27.32 5.03 9.58
C PHE A 139 -28.68 5.52 10.04
N ASN A 140 -28.90 6.83 9.94
CA ASN A 140 -30.10 7.43 10.47
C ASN A 140 -30.50 6.80 11.79
N GLU A 141 -29.51 6.61 12.66
CA GLU A 141 -29.75 6.29 14.07
C GLU A 141 -30.01 4.81 14.36
N TYR A 142 -29.81 3.96 13.34
CA TYR A 142 -30.06 2.53 13.43
C TYR A 142 -28.84 1.85 12.83
N PRO A 143 -28.42 0.70 13.38
CA PRO A 143 -27.28 0.06 12.75
C PRO A 143 -27.48 0.05 11.22
N SER A 144 -26.42 0.30 10.47
CA SER A 144 -26.50 0.25 9.02
C SER A 144 -26.54 -1.21 8.58
N TYR A 145 -27.63 -1.61 7.93
CA TYR A 145 -27.83 -3.00 7.53
C TYR A 145 -26.82 -3.41 6.44
N GLN A 146 -26.21 -4.58 6.57
CA GLN A 146 -25.27 -5.00 5.52
C GLN A 146 -25.88 -6.07 4.66
N ASP A 147 -25.39 -6.19 3.43
CA ASP A 147 -25.95 -7.12 2.47
C ASP A 147 -25.08 -7.10 1.24
N ASN A 148 -25.58 -7.59 0.10
CA ASN A 148 -24.71 -7.65 -1.07
C ASN A 148 -24.30 -6.26 -1.56
N ARG A 149 -24.96 -5.23 -1.04
CA ARG A 149 -24.88 -3.87 -1.61
C ARG A 149 -24.15 -2.92 -0.66
N ARG A 150 -24.13 -3.30 0.63
CA ARG A 150 -23.53 -2.50 1.68
C ARG A 150 -22.65 -3.37 2.56
N PHE A 151 -21.41 -2.95 2.77
CA PHE A 151 -20.47 -3.79 3.51
C PHE A 151 -19.53 -2.97 4.37
N VAL A 152 -19.36 -3.35 5.63
CA VAL A 152 -18.33 -2.73 6.48
C VAL A 152 -17.05 -3.55 6.62
N SER A 153 -15.92 -2.94 6.27
CA SER A 153 -14.63 -3.64 6.42
C SER A 153 -14.18 -3.64 7.87
N GLN A 154 -13.69 -4.77 8.38
CA GLN A 154 -13.12 -4.76 9.71
C GLN A 154 -11.64 -4.45 9.67
N GLU A 155 -11.03 -4.39 8.49
CA GLU A 155 -9.63 -3.92 8.42
C GLU A 155 -9.56 -2.39 8.33
N THR A 156 -10.33 -1.79 7.41
CA THR A 156 -10.32 -0.33 7.28
C THR A 156 -11.35 0.38 8.15
N GLY A 157 -12.45 -0.31 8.40
CA GLY A 157 -13.57 0.29 9.09
C GLY A 157 -14.43 1.08 8.14
N ASN A 158 -14.11 1.07 6.84
CA ASN A 158 -14.93 1.78 5.85
C ASN A 158 -16.24 1.13 5.52
N LEU A 159 -17.20 1.94 5.08
CA LEU A 159 -18.47 1.41 4.68
C LEU A 159 -18.53 1.53 3.16
N TYR A 160 -18.66 0.38 2.50
CA TYR A 160 -18.64 0.33 1.05
C TYR A 160 -20.07 0.18 0.52
N ILE A 161 -20.47 1.05 -0.41
CA ILE A 161 -21.82 1.00 -0.98
C ILE A 161 -21.74 0.78 -2.47
N ALA A 162 -22.06 -0.42 -2.91
CA ALA A 162 -21.79 -0.83 -4.27
C ALA A 162 -22.47 0.08 -5.29
N LYS A 163 -23.67 0.50 -4.95
CA LYS A 163 -24.55 1.23 -5.86
C LYS A 163 -25.51 1.99 -4.98
N VAL A 164 -25.42 3.30 -5.02
CA VAL A 164 -26.21 4.12 -4.13
C VAL A 164 -27.67 4.14 -4.60
N GLU A 165 -28.61 4.08 -3.68
CA GLU A 165 -30.02 4.20 -4.02
C GLU A 165 -30.62 5.32 -3.19
N LYS A 166 -31.85 5.70 -3.49
CA LYS A 166 -32.46 6.85 -2.84
C LYS A 166 -32.58 6.65 -1.34
N SER A 167 -32.83 5.41 -0.92
CA SER A 167 -33.01 5.13 0.50
C SER A 167 -31.73 5.38 1.32
N ASP A 168 -30.57 5.44 0.66
CA ASP A 168 -29.31 5.70 1.38
C ASP A 168 -29.14 7.13 1.91
N VAL A 169 -30.04 8.04 1.56
CA VAL A 169 -29.86 9.43 1.98
C VAL A 169 -30.04 9.52 3.48
N GLY A 170 -29.09 10.19 4.12
CA GLY A 170 -29.18 10.39 5.55
C GLY A 170 -27.82 10.52 6.19
N ASN A 171 -27.76 10.28 7.50
CA ASN A 171 -26.57 10.53 8.29
C ASN A 171 -25.85 9.25 8.68
N TYR A 172 -24.54 9.25 8.52
CA TYR A 172 -23.75 8.05 8.83
C TYR A 172 -22.66 8.33 9.85
N THR A 173 -22.64 7.57 10.95
CA THR A 173 -21.53 7.70 11.89
C THR A 173 -20.78 6.37 12.07
N CYS A 174 -19.47 6.45 12.15
CA CYS A 174 -18.64 5.28 12.27
C CYS A 174 -18.49 4.97 13.74
N VAL A 175 -18.70 3.72 14.14
CA VAL A 175 -18.48 3.41 15.54
C VAL A 175 -17.28 2.47 15.71
N VAL A 176 -16.30 2.94 16.48
CA VAL A 176 -15.03 2.23 16.55
C VAL A 176 -14.79 1.74 17.95
N THR A 177 -14.41 0.48 18.04
CA THR A 177 -14.30 -0.21 19.32
C THR A 177 -12.90 -0.72 19.44
N ASN A 178 -12.23 -0.42 20.54
CA ASN A 178 -10.93 -1.02 20.80
C ASN A 178 -11.17 -2.41 21.43
N THR A 179 -10.80 -3.48 20.72
CA THR A 179 -11.03 -4.85 21.21
C THR A 179 -10.25 -5.22 22.49
N VAL A 180 -9.27 -4.41 22.86
CA VAL A 180 -8.45 -4.70 24.04
C VAL A 180 -9.04 -4.09 25.32
N THR A 181 -9.54 -2.87 25.21
CA THR A 181 -10.10 -2.19 26.39
C THR A 181 -11.62 -2.24 26.39
N ASN A 182 -12.18 -2.72 25.28
CA ASN A 182 -13.62 -2.69 25.06
C ASN A 182 -14.18 -1.26 25.04
N HIS A 183 -13.32 -0.28 24.81
CA HIS A 183 -13.81 1.09 24.69
C HIS A 183 -14.32 1.40 23.29
N LYS A 184 -15.42 2.15 23.23
CA LYS A 184 -16.06 2.56 21.99
C LYS A 184 -16.01 4.09 21.79
N VAL A 185 -15.74 4.54 20.56
CA VAL A 185 -15.88 5.96 20.23
C VAL A 185 -16.65 6.19 18.91
N LEU A 186 -17.47 7.24 18.91
CA LEU A 186 -18.26 7.64 17.76
C LEU A 186 -17.59 8.81 17.05
N GLY A 187 -17.57 8.77 15.73
CA GLY A 187 -17.11 9.88 14.94
C GLY A 187 -18.25 10.81 14.65
N PRO A 188 -17.95 12.02 14.15
CA PRO A 188 -18.96 12.97 13.68
C PRO A 188 -19.74 12.38 12.50
N PRO A 189 -21.05 12.66 12.44
CA PRO A 189 -21.88 12.11 11.36
C PRO A 189 -21.54 12.79 10.04
N THR A 190 -21.49 12.01 8.97
CA THR A 190 -21.34 12.60 7.66
C THR A 190 -22.70 12.61 6.95
N PRO A 191 -23.22 13.80 6.67
CA PRO A 191 -24.56 13.84 6.10
C PRO A 191 -24.44 13.56 4.62
N LEU A 192 -25.20 12.62 4.10
CA LEU A 192 -25.13 12.37 2.67
C LEU A 192 -26.45 12.57 1.93
N ILE A 193 -26.38 13.24 0.78
CA ILE A 193 -27.58 13.52 0.00
C ILE A 193 -27.43 13.08 -1.45
N LEU A 194 -28.56 12.93 -2.13
CA LEU A 194 -28.51 12.66 -3.56
C LEU A 194 -28.10 13.93 -4.28
N ARG A 195 -27.19 13.80 -5.24
CA ARG A 195 -26.97 14.87 -6.20
C ARG A 195 -27.95 14.58 -7.33
N ASN A 196 -28.69 15.59 -7.72
CA ASN A 196 -29.77 15.38 -8.68
C ASN A 196 -29.33 15.63 -10.10
N ASP A 197 -28.21 15.04 -10.50
CA ASP A 197 -27.96 14.89 -11.91
C ASP A 197 -28.51 13.53 -12.31
N GLY A 198 -27.86 12.81 -13.19
CA GLY A 198 -28.51 11.58 -13.61
C GLY A 198 -28.54 10.43 -12.62
N VAL A 199 -28.80 9.27 -13.18
CA VAL A 199 -28.41 8.02 -12.59
C VAL A 199 -27.06 7.66 -13.20
N MET A 200 -26.23 6.93 -12.46
CA MET A 200 -24.94 6.48 -12.94
C MET A 200 -25.18 5.36 -13.94
N GLY A 201 -24.42 5.32 -15.02
CA GLY A 201 -24.56 4.19 -15.94
C GLY A 201 -23.93 2.97 -15.33
N GLU A 202 -23.96 1.87 -16.10
CA GLU A 202 -23.41 0.59 -15.65
C GLU A 202 -21.96 0.40 -16.01
N TYR A 203 -21.30 -0.52 -15.30
CA TYR A 203 -19.86 -0.67 -15.44
C TYR A 203 -19.33 -1.84 -14.63
N GLU A 204 -18.16 -2.37 -15.03
CA GLU A 204 -17.44 -3.52 -14.42
C GLU A 204 -17.35 -3.36 -12.93
N PRO A 205 -17.31 -4.48 -12.19
CA PRO A 205 -17.04 -4.29 -10.76
C PRO A 205 -15.65 -3.70 -10.51
N LYS A 206 -15.54 -2.80 -9.53
CA LYS A 206 -14.23 -2.38 -9.01
C LYS A 206 -14.02 -2.92 -7.61
N ILE A 207 -13.10 -3.87 -7.49
CA ILE A 207 -12.79 -4.39 -6.16
C ILE A 207 -12.11 -3.31 -5.37
N GLU A 208 -12.80 -2.88 -4.32
CA GLU A 208 -12.41 -1.67 -3.62
C GLU A 208 -11.65 -1.96 -2.34
N VAL A 209 -11.82 -3.18 -1.81
CA VAL A 209 -11.05 -3.63 -0.64
C VAL A 209 -10.71 -5.08 -0.89
N GLN A 210 -9.48 -5.47 -0.63
CA GLN A 210 -9.16 -6.87 -0.80
C GLN A 210 -8.00 -7.28 0.07
N PHE A 211 -7.88 -8.58 0.24
CA PHE A 211 -6.77 -9.17 0.96
C PHE A 211 -5.47 -9.05 0.13
N PRO A 212 -4.31 -8.99 0.81
CA PRO A 212 -2.96 -8.88 0.24
C PRO A 212 -2.58 -10.03 -0.68
N GLU A 213 -1.60 -9.84 -1.54
CA GLU A 213 -1.10 -10.95 -2.39
C GLU A 213 -0.46 -12.06 -1.57
N THR A 214 0.04 -11.71 -0.40
CA THR A 214 0.70 -12.65 0.48
C THR A 214 0.13 -12.47 1.86
N VAL A 215 -0.36 -13.57 2.43
CA VAL A 215 -1.02 -13.55 3.73
C VAL A 215 -0.39 -14.58 4.66
N PRO A 216 0.39 -14.12 5.65
CA PRO A 216 0.92 -15.08 6.61
C PRO A 216 -0.26 -15.56 7.45
N ALA A 217 -0.42 -16.87 7.58
CA ALA A 217 -1.57 -17.41 8.22
C ALA A 217 -1.17 -18.28 9.41
N GLU A 218 -1.38 -17.78 10.62
CA GLU A 218 -0.83 -18.43 11.80
C GLU A 218 -1.62 -19.66 12.25
N LYS A 219 -0.91 -20.77 12.42
CA LYS A 219 -1.51 -21.99 13.00
C LYS A 219 -2.44 -21.69 14.16
N GLY A 220 -3.64 -22.23 14.11
CA GLY A 220 -4.53 -22.14 15.26
C GLY A 220 -5.36 -20.88 15.31
N THR A 221 -4.97 -19.86 14.57
CA THR A 221 -5.72 -18.61 14.62
C THR A 221 -6.86 -18.55 13.57
N THR A 222 -7.71 -17.55 13.69
CA THR A 222 -8.63 -17.34 12.60
C THR A 222 -8.14 -16.26 11.63
N VAL A 223 -7.95 -16.66 10.39
CA VAL A 223 -7.48 -15.71 9.40
C VAL A 223 -8.65 -15.14 8.60
N LYS A 224 -8.67 -13.82 8.46
CA LYS A 224 -9.78 -13.18 7.81
C LYS A 224 -9.33 -12.56 6.50
N LEU A 225 -10.05 -12.86 5.42
CA LEU A 225 -9.78 -12.30 4.10
C LEU A 225 -10.96 -11.42 3.69
N GLU A 226 -10.70 -10.23 3.17
CA GLU A 226 -11.79 -9.36 2.71
C GLU A 226 -11.81 -9.23 1.20
N CYS A 227 -12.99 -9.02 0.64
CA CYS A 227 -13.13 -8.69 -0.78
C CYS A 227 -14.50 -8.07 -0.99
N PHE A 228 -14.53 -6.82 -1.46
CA PHE A 228 -15.81 -6.22 -1.81
C PHE A 228 -15.62 -5.23 -2.96
N ALA A 229 -16.62 -5.17 -3.85
CA ALA A 229 -16.55 -4.38 -5.08
C ALA A 229 -17.71 -3.38 -5.23
N LEU A 230 -17.41 -2.23 -5.84
CA LEU A 230 -18.45 -1.29 -6.20
C LEU A 230 -18.82 -1.65 -7.64
N GLY A 231 -20.05 -1.37 -8.03
CA GLY A 231 -20.52 -1.83 -9.32
C GLY A 231 -21.99 -1.63 -9.56
N ASN A 232 -22.33 -1.42 -10.83
CA ASN A 232 -23.68 -1.27 -11.24
C ASN A 232 -23.83 -2.10 -12.50
N PRO A 233 -24.63 -3.19 -12.45
CA PRO A 233 -25.36 -3.71 -11.30
C PRO A 233 -24.47 -4.13 -10.15
N VAL A 234 -25.06 -4.26 -8.97
CA VAL A 234 -24.31 -4.64 -7.78
C VAL A 234 -23.56 -5.93 -8.11
N PRO A 235 -22.26 -6.01 -7.82
CA PRO A 235 -21.55 -7.24 -8.13
C PRO A 235 -21.94 -8.40 -7.23
N THR A 236 -21.73 -9.61 -7.72
CA THR A 236 -21.71 -10.79 -6.87
C THR A 236 -20.26 -11.01 -6.47
N ILE A 237 -20.06 -11.55 -5.26
CA ILE A 237 -18.74 -11.87 -4.75
C ILE A 237 -18.69 -13.38 -4.57
N LEU A 238 -17.68 -14.01 -5.14
CA LEU A 238 -17.49 -15.44 -5.04
C LEU A 238 -16.09 -15.76 -4.54
N TRP A 239 -16.02 -16.58 -3.47
CA TRP A 239 -14.76 -17.12 -2.97
C TRP A 239 -14.48 -18.54 -3.48
N ARG A 240 -13.23 -18.81 -3.84
CA ARG A 240 -12.79 -20.14 -4.24
C ARG A 240 -11.28 -20.28 -3.97
N ARG A 241 -10.80 -21.51 -4.01
CA ARG A 241 -9.36 -21.79 -4.00
C ARG A 241 -8.92 -22.01 -5.43
N ALA A 242 -7.80 -21.41 -5.79
CA ALA A 242 -7.33 -21.47 -7.16
C ALA A 242 -7.24 -22.91 -7.58
N ASP A 243 -6.84 -23.77 -6.63
CA ASP A 243 -6.59 -25.16 -6.99
C ASP A 243 -7.85 -26.02 -7.05
N GLY A 244 -9.02 -25.41 -6.94
CA GLY A 244 -10.27 -26.15 -7.12
C GLY A 244 -10.78 -26.95 -5.92
N LYS A 245 -9.94 -27.08 -4.89
CA LYS A 245 -10.38 -27.73 -3.66
C LYS A 245 -11.42 -26.85 -3.01
N PRO A 246 -12.39 -27.48 -2.34
CA PRO A 246 -13.45 -26.77 -1.63
C PRO A 246 -12.86 -26.06 -0.43
N ILE A 247 -13.39 -24.89 -0.12
CA ILE A 247 -13.03 -24.15 1.08
C ILE A 247 -13.57 -24.93 2.29
N ALA A 248 -12.81 -25.00 3.38
CA ALA A 248 -13.21 -25.82 4.53
C ALA A 248 -14.57 -25.43 5.08
N ARG A 249 -15.33 -26.41 5.52
CA ARG A 249 -16.69 -26.07 5.95
C ARG A 249 -16.71 -25.22 7.19
N LYS A 250 -15.65 -25.32 8.00
CA LYS A 250 -15.51 -24.50 9.19
C LYS A 250 -15.40 -23.01 8.86
N ALA A 251 -14.99 -22.67 7.65
CA ALA A 251 -14.87 -21.24 7.27
C ALA A 251 -16.23 -20.53 7.33
N ARG A 252 -16.24 -19.28 7.79
CA ARG A 252 -17.47 -18.49 7.85
C ARG A 252 -17.46 -17.36 6.83
N ARG A 253 -18.61 -17.11 6.23
CA ARG A 253 -18.79 -15.97 5.33
C ARG A 253 -19.70 -14.91 5.96
N HIS A 254 -19.24 -13.67 5.91
CA HIS A 254 -20.03 -12.53 6.27
C HIS A 254 -21.30 -12.50 5.38
N LYS A 255 -22.41 -11.99 5.88
CA LYS A 255 -23.65 -11.95 5.12
C LYS A 255 -23.57 -11.19 3.78
N SER A 256 -22.61 -10.29 3.67
CA SER A 256 -22.50 -9.50 2.44
C SER A 256 -21.52 -10.26 1.56
N ASN A 257 -20.98 -11.35 2.11
CA ASN A 257 -19.96 -12.15 1.43
C ASN A 257 -18.62 -11.45 1.30
N GLY A 258 -18.48 -10.33 2.01
CA GLY A 258 -17.28 -9.52 1.93
C GLY A 258 -16.10 -9.94 2.78
N ILE A 259 -16.34 -10.90 3.68
CA ILE A 259 -15.27 -11.43 4.53
C ILE A 259 -15.34 -12.95 4.56
N LEU A 260 -14.23 -13.60 4.26
CA LEU A 260 -14.13 -15.04 4.51
C LEU A 260 -13.26 -15.24 5.76
N GLU A 261 -13.78 -15.96 6.75
CA GLU A 261 -13.02 -16.22 7.98
C GLU A 261 -12.71 -17.70 8.13
N ILE A 262 -11.43 -18.00 8.28
CA ILE A 262 -10.98 -19.37 8.40
C ILE A 262 -10.45 -19.55 9.82
N PRO A 263 -11.29 -20.12 10.68
CA PRO A 263 -11.00 -20.34 12.08
C PRO A 263 -9.97 -21.49 12.28
N ASN A 264 -9.30 -21.54 13.43
CA ASN A 264 -8.37 -22.63 13.73
C ASN A 264 -7.49 -22.99 12.54
N PHE A 265 -6.73 -22.02 12.03
CA PHE A 265 -6.02 -22.24 10.78
C PHE A 265 -5.01 -23.39 10.84
N GLN A 266 -5.11 -24.29 9.87
CA GLN A 266 -4.21 -25.46 9.80
C GLN A 266 -3.56 -25.54 8.42
N GLN A 267 -2.51 -26.35 8.30
CA GLN A 267 -1.73 -26.42 7.07
C GLN A 267 -2.59 -26.63 5.81
N GLU A 268 -3.55 -27.55 5.89
CA GLU A 268 -4.37 -27.89 4.72
C GLU A 268 -5.23 -26.71 4.25
N ASP A 269 -5.37 -25.70 5.12
CA ASP A 269 -6.18 -24.54 4.79
C ASP A 269 -5.41 -23.53 3.93
N ALA A 270 -4.09 -23.72 3.83
CA ALA A 270 -3.24 -22.77 3.10
C ALA A 270 -3.39 -22.88 1.58
N GLY A 271 -2.78 -21.96 0.86
CA GLY A 271 -2.68 -22.06 -0.57
C GLY A 271 -3.31 -20.83 -1.19
N SER A 272 -3.44 -20.80 -2.51
CA SER A 272 -3.97 -19.61 -3.18
C SER A 272 -5.51 -19.52 -3.11
N TYR A 273 -6.00 -18.39 -2.63
CA TYR A 273 -7.43 -18.11 -2.65
C TYR A 273 -7.74 -17.03 -3.68
N GLU A 274 -8.95 -17.08 -4.22
CA GLU A 274 -9.42 -16.09 -5.18
C GLU A 274 -10.76 -15.53 -4.77
N CYS A 275 -10.95 -14.26 -5.04
CA CYS A 275 -12.26 -13.68 -4.91
C CYS A 275 -12.66 -13.20 -6.30
N VAL A 276 -13.85 -13.55 -6.75
CA VAL A 276 -14.30 -13.10 -8.07
C VAL A 276 -15.45 -12.16 -7.87
N ALA A 277 -15.32 -10.94 -8.39
CA ALA A 277 -16.42 -9.99 -8.39
C ALA A 277 -16.92 -9.86 -9.81
N GLU A 278 -18.21 -10.09 -9.98
CA GLU A 278 -18.79 -10.11 -11.31
C GLU A 278 -20.15 -9.43 -11.40
N ASN A 279 -20.38 -8.78 -12.54
CA ASN A 279 -21.71 -8.33 -12.89
C ASN A 279 -21.91 -8.46 -14.40
N SER A 280 -23.03 -7.95 -14.91
CA SER A 280 -23.35 -8.16 -16.32
C SER A 280 -22.37 -7.42 -17.22
N ARG A 281 -21.56 -6.52 -16.64
CA ARG A 281 -20.60 -5.74 -17.41
C ARG A 281 -19.15 -6.23 -17.40
N GLY A 282 -18.83 -7.25 -16.61
CA GLY A 282 -17.46 -7.72 -16.56
C GLY A 282 -17.07 -8.32 -15.21
N LYS A 283 -15.81 -8.72 -15.12
CA LYS A 283 -15.34 -9.50 -13.97
C LYS A 283 -13.97 -9.03 -13.58
N ASN A 284 -13.69 -9.04 -12.29
CA ASN A 284 -12.34 -8.84 -11.79
C ASN A 284 -12.07 -9.83 -10.66
N VAL A 285 -10.80 -10.13 -10.43
CA VAL A 285 -10.44 -11.14 -9.42
C VAL A 285 -9.33 -10.62 -8.53
N ALA A 286 -9.45 -10.86 -7.23
CA ALA A 286 -8.35 -10.65 -6.31
C ALA A 286 -7.82 -12.03 -5.95
N LYS A 287 -6.51 -12.16 -5.93
CA LYS A 287 -5.84 -13.41 -5.63
C LYS A 287 -4.76 -13.16 -4.56
N GLY A 288 -4.48 -14.17 -3.75
CA GLY A 288 -3.46 -14.06 -2.72
C GLY A 288 -3.12 -15.44 -2.22
N GLN A 289 -1.89 -15.60 -1.74
CA GLN A 289 -1.41 -16.86 -1.19
C GLN A 289 -1.41 -16.81 0.33
N LEU A 290 -2.09 -17.75 0.98
CA LEU A 290 -2.04 -17.82 2.43
C LEU A 290 -0.94 -18.82 2.71
N THR A 291 0.03 -18.41 3.51
CA THR A 291 1.18 -19.26 3.85
C THR A 291 1.13 -19.64 5.31
N PHE A 292 0.98 -20.93 5.58
CA PHE A 292 0.87 -21.41 6.94
C PHE A 292 2.14 -21.12 7.72
N TYR A 293 2.02 -20.65 8.96
CA TYR A 293 3.21 -20.63 9.83
C TYR A 293 2.87 -20.93 11.28
N ALA A 294 3.90 -21.31 12.04
CA ALA A 294 3.73 -21.51 13.46
C ALA A 294 4.99 -21.10 14.19
N GLN A 295 4.82 -20.29 15.22
CA GLN A 295 5.94 -19.96 16.09
C GLN A 295 6.50 -21.26 16.71
N PRO A 296 7.78 -21.22 17.13
CA PRO A 296 8.37 -22.45 17.69
C PRO A 296 7.68 -22.87 18.98
N ASN A 297 7.58 -24.19 19.18
CA ASN A 297 7.10 -24.73 20.44
C ASN A 297 8.08 -25.79 20.95
N TRP A 298 8.33 -25.80 22.25
CA TRP A 298 9.23 -26.80 22.80
C TRP A 298 8.63 -28.19 22.75
N VAL A 299 9.41 -29.13 22.22
CA VAL A 299 9.10 -30.54 22.24
C VAL A 299 10.01 -31.29 23.26
N GLN A 300 11.28 -30.90 23.32
CA GLN A 300 12.24 -31.42 24.31
C GLN A 300 13.17 -30.29 24.80
N ILE A 301 13.19 -30.05 26.11
CA ILE A 301 14.07 -29.01 26.67
C ILE A 301 15.32 -29.64 27.27
N ILE A 302 16.32 -28.82 27.61
CA ILE A 302 17.50 -29.32 28.33
C ILE A 302 17.16 -29.33 29.80
N ASN A 303 17.67 -30.30 30.54
CA ASN A 303 17.49 -30.33 32.00
C ASN A 303 18.84 -30.21 32.68
N ASP A 304 18.85 -29.94 33.98
CA ASP A 304 20.10 -29.81 34.69
C ASP A 304 20.97 -31.05 34.53
N ILE A 305 22.28 -30.85 34.44
CA ILE A 305 23.21 -31.96 34.37
C ILE A 305 24.22 -31.86 35.51
N HIS A 306 24.38 -32.96 36.27
CA HIS A 306 25.46 -33.06 37.27
C HIS A 306 26.43 -34.12 36.81
N VAL A 307 27.65 -33.71 36.52
CA VAL A 307 28.58 -34.63 35.88
C VAL A 307 29.92 -34.49 36.52
N ALA A 308 30.78 -35.49 36.37
CA ALA A 308 32.07 -35.46 37.02
C ALA A 308 33.15 -35.15 36.01
N MET A 309 34.29 -34.66 36.50
CA MET A 309 35.39 -34.34 35.63
C MET A 309 35.78 -35.49 34.73
N GLU A 310 36.14 -35.15 33.51
CA GLU A 310 36.53 -36.10 32.49
C GLU A 310 35.43 -36.96 31.84
N GLU A 311 34.22 -36.88 32.36
CA GLU A 311 33.09 -37.52 31.70
C GLU A 311 32.75 -36.76 30.43
N SER A 312 31.78 -37.23 29.68
CA SER A 312 31.38 -36.46 28.51
C SER A 312 29.91 -36.10 28.66
N VAL A 313 29.42 -35.25 27.78
CA VAL A 313 28.11 -34.64 27.93
C VAL A 313 27.46 -34.50 26.55
N PHE A 314 26.20 -34.93 26.43
CA PHE A 314 25.46 -34.68 25.21
C PHE A 314 24.16 -34.07 25.63
N TRP A 315 23.85 -32.89 25.09
CA TRP A 315 22.65 -32.14 25.49
C TRP A 315 21.87 -31.78 24.22
N GLU A 316 20.55 -32.00 24.22
CA GLU A 316 19.75 -31.76 23.03
C GLU A 316 18.44 -31.06 23.39
N CYS A 317 18.11 -30.00 22.65
CA CYS A 317 16.75 -29.47 22.71
C CYS A 317 16.08 -29.67 21.34
N LYS A 318 14.75 -29.71 21.33
CA LYS A 318 13.93 -29.97 20.14
C LYS A 318 12.71 -29.07 20.16
N ALA A 319 12.41 -28.44 19.03
CA ALA A 319 11.21 -27.59 18.91
C ALA A 319 10.51 -27.85 17.56
N ASN A 320 9.18 -27.74 17.53
CA ASN A 320 8.47 -27.71 16.23
C ASN A 320 8.07 -26.28 15.88
N GLY A 321 7.51 -26.09 14.70
CA GLY A 321 7.24 -24.76 14.20
C GLY A 321 7.32 -24.79 12.69
N ARG A 322 6.90 -23.71 12.05
CA ARG A 322 6.98 -23.62 10.59
C ARG A 322 7.22 -22.15 10.26
N PRO A 323 8.33 -21.85 9.57
CA PRO A 323 9.28 -22.85 9.09
C PRO A 323 9.99 -23.56 10.24
N LYS A 324 10.53 -24.74 9.97
CA LYS A 324 11.17 -25.58 11.03
C LYS A 324 12.22 -24.79 11.79
N PRO A 325 12.14 -24.76 13.13
CA PRO A 325 13.11 -23.92 13.85
C PRO A 325 14.58 -24.31 13.66
N THR A 326 15.47 -23.33 13.72
CA THR A 326 16.91 -23.57 13.86
C THR A 326 17.27 -23.31 15.32
N TYR A 327 18.46 -23.75 15.71
CA TYR A 327 18.86 -23.67 17.10
C TYR A 327 20.16 -22.94 17.24
N ARG A 328 20.35 -22.28 18.37
CA ARG A 328 21.67 -21.80 18.74
C ARG A 328 21.79 -21.86 20.24
N TRP A 329 23.02 -21.78 20.74
CA TRP A 329 23.29 -22.01 22.16
C TRP A 329 23.87 -20.78 22.82
N LEU A 330 23.55 -20.61 24.10
CA LEU A 330 24.26 -19.63 24.93
C LEU A 330 24.91 -20.34 26.10
N LYS A 331 26.05 -19.84 26.52
CA LYS A 331 26.61 -20.17 27.84
C LYS A 331 26.78 -18.87 28.59
N ASN A 332 26.11 -18.77 29.73
CA ASN A 332 26.16 -17.55 30.52
C ASN A 332 25.81 -16.33 29.69
N GLY A 333 24.88 -16.51 28.76
CA GLY A 333 24.34 -15.41 28.01
C GLY A 333 25.08 -15.08 26.74
N ASP A 334 26.27 -15.65 26.55
CA ASP A 334 27.02 -15.42 25.32
C ASP A 334 26.88 -16.59 24.35
N PRO A 335 26.85 -16.31 23.04
CA PRO A 335 26.69 -17.33 22.00
C PRO A 335 27.79 -18.34 22.17
N LEU A 336 27.44 -19.62 22.10
CA LEU A 336 28.40 -20.70 22.30
C LEU A 336 28.50 -21.46 20.99
N LEU A 337 29.67 -21.43 20.36
CA LEU A 337 29.89 -22.18 19.13
C LEU A 337 30.95 -23.22 19.29
N THR A 338 31.04 -24.09 18.30
CA THR A 338 31.97 -25.19 18.33
C THR A 338 33.36 -24.68 18.63
N ARG A 339 34.05 -25.35 19.55
CA ARG A 339 35.48 -25.12 19.74
C ARG A 339 36.11 -26.35 20.36
N ASP A 340 37.31 -26.20 20.91
CA ASP A 340 38.00 -27.36 21.49
C ASP A 340 37.15 -28.08 22.53
N ARG A 341 36.92 -29.37 22.29
CA ARG A 341 36.22 -30.25 23.24
C ARG A 341 34.71 -30.15 23.10
N ILE A 342 34.24 -29.08 22.46
CA ILE A 342 32.83 -28.76 22.44
C ILE A 342 32.28 -28.65 21.03
N GLN A 343 31.40 -29.59 20.71
CA GLN A 343 30.88 -29.69 19.38
C GLN A 343 29.43 -29.20 19.42
N ILE A 344 29.16 -28.10 18.72
CA ILE A 344 27.83 -27.52 18.68
C ILE A 344 27.30 -27.70 17.29
N GLU A 345 26.25 -28.52 17.18
CA GLU A 345 25.59 -28.86 15.92
C GLU A 345 24.07 -28.72 16.07
N GLN A 346 23.52 -27.64 15.50
CA GLN A 346 22.08 -27.37 15.59
C GLN A 346 21.64 -27.47 17.05
N GLY A 347 20.60 -28.24 17.37
CA GLY A 347 20.09 -28.25 18.74
C GLY A 347 20.85 -29.24 19.63
N THR A 348 22.11 -29.51 19.32
CA THR A 348 22.89 -30.43 20.14
C THR A 348 24.25 -29.88 20.56
N LEU A 349 24.64 -30.24 21.78
CA LEU A 349 25.92 -29.87 22.34
C LEU A 349 26.59 -31.11 22.87
N ASN A 350 27.81 -31.36 22.38
CA ASN A 350 28.57 -32.52 22.77
C ASN A 350 29.92 -32.14 23.35
N ILE A 351 30.14 -32.43 24.63
CA ILE A 351 31.42 -32.09 25.27
C ILE A 351 32.15 -33.38 25.51
N THR A 352 33.33 -33.54 24.93
CA THR A 352 34.00 -34.83 24.99
C THR A 352 34.52 -35.19 26.38
N ILE A 353 35.30 -34.29 26.96
CA ILE A 353 35.90 -34.50 28.27
C ILE A 353 35.67 -33.26 29.09
N VAL A 354 34.81 -33.40 30.09
CA VAL A 354 34.38 -32.26 30.89
C VAL A 354 35.48 -31.73 31.80
N ASN A 355 35.65 -30.41 31.87
CA ASN A 355 36.45 -29.86 32.97
C ASN A 355 35.70 -28.86 33.83
N LEU A 356 36.37 -28.38 34.88
CA LEU A 356 35.69 -27.50 35.83
C LEU A 356 35.16 -26.22 35.18
N SER A 357 35.80 -25.79 34.11
CA SER A 357 35.45 -24.53 33.49
C SER A 357 34.13 -24.64 32.72
N ASP A 358 33.68 -25.87 32.51
CA ASP A 358 32.47 -26.11 31.76
C ASP A 358 31.24 -25.84 32.62
N ALA A 359 31.40 -25.89 33.94
CA ALA A 359 30.29 -25.56 34.79
C ALA A 359 29.77 -24.17 34.43
N GLY A 360 28.45 -24.03 34.37
CA GLY A 360 27.81 -22.77 34.02
C GLY A 360 26.32 -22.92 33.69
N MET A 361 25.68 -21.83 33.32
CA MET A 361 24.31 -21.90 32.80
C MET A 361 24.32 -21.94 31.29
N TYR A 362 23.47 -22.79 30.75
CA TYR A 362 23.40 -22.95 29.31
C TYR A 362 21.97 -22.72 28.87
N GLN A 363 21.82 -22.24 27.65
CA GLN A 363 20.51 -22.02 27.11
C GLN A 363 20.49 -22.53 25.69
N CYS A 364 19.48 -23.33 25.41
CA CYS A 364 19.25 -23.81 24.06
C CYS A 364 18.14 -22.94 23.50
N VAL A 365 18.38 -22.34 22.33
CA VAL A 365 17.46 -21.35 21.74
C VAL A 365 16.93 -21.91 20.42
N ALA A 366 15.61 -21.90 20.26
CA ALA A 366 15.00 -22.38 19.03
C ALA A 366 14.29 -21.21 18.38
N GLU A 367 14.42 -21.06 17.07
CA GLU A 367 13.82 -19.87 16.47
C GLU A 367 13.49 -20.05 14.97
N ASN A 368 12.47 -19.33 14.51
CA ASN A 368 12.25 -19.15 13.07
C ASN A 368 11.91 -17.69 12.83
N LYS A 369 11.55 -17.34 11.61
CA LYS A 369 11.12 -15.98 11.23
C LYS A 369 10.18 -15.42 12.26
N HIS A 370 9.32 -16.28 12.80
CA HIS A 370 8.16 -15.82 13.54
C HIS A 370 8.27 -15.80 15.07
N GLY A 371 9.35 -16.32 15.61
CA GLY A 371 9.47 -16.30 17.05
C GLY A 371 10.73 -16.98 17.51
N VAL A 372 11.11 -16.68 18.74
CA VAL A 372 12.31 -17.23 19.34
C VAL A 372 11.91 -17.79 20.70
N ILE A 373 12.39 -18.98 21.07
CA ILE A 373 12.11 -19.47 22.43
C ILE A 373 13.36 -19.98 23.09
N PHE A 374 13.35 -19.96 24.43
CA PHE A 374 14.53 -20.30 25.20
C PHE A 374 14.23 -21.46 26.14
N SER A 375 15.21 -22.32 26.31
CA SER A 375 15.16 -23.27 27.42
C SER A 375 16.50 -23.21 28.16
N SER A 376 16.46 -23.32 29.49
CA SER A 376 17.64 -23.06 30.30
C SER A 376 17.89 -24.15 31.31
N ALA A 377 19.16 -24.47 31.52
CA ALA A 377 19.56 -25.47 32.51
C ALA A 377 20.98 -25.20 33.01
N GLU A 378 21.36 -25.86 34.11
CA GLU A 378 22.68 -25.67 34.69
C GLU A 378 23.55 -26.89 34.47
N LEU A 379 24.78 -26.68 34.02
CA LEU A 379 25.74 -27.77 34.06
C LEU A 379 26.57 -27.64 35.31
N SER A 380 26.53 -28.65 36.18
CA SER A 380 27.40 -28.60 37.36
C SER A 380 28.39 -29.76 37.41
N VAL A 381 29.60 -29.44 37.81
CA VAL A 381 30.69 -30.42 37.78
C VAL A 381 31.10 -30.85 39.20
N ILE A 382 31.51 -32.11 39.35
CA ILE A 382 31.93 -32.61 40.67
C ILE A 382 33.36 -33.15 40.71
N GLY B 5 3.09 18.28 -0.07
CA GLY B 5 3.94 17.35 -0.78
C GLY B 5 3.31 16.86 -2.08
N ASP B 6 2.07 16.43 -1.99
CA ASP B 6 1.30 16.05 -3.17
C ASP B 6 -0.18 16.29 -2.90
N PRO B 7 -0.62 17.53 -3.12
CA PRO B 7 -1.98 17.93 -2.73
C PRO B 7 -2.99 17.27 -3.65
N TYR B 8 -4.20 17.01 -3.15
CA TYR B 8 -5.26 16.43 -3.98
C TYR B 8 -5.63 17.45 -5.04
N TRP B 9 -5.90 16.97 -6.23
CA TRP B 9 -6.42 17.84 -7.28
C TRP B 9 -7.27 17.01 -8.24
N ALA B 10 -8.19 17.68 -8.94
CA ALA B 10 -9.12 17.02 -9.88
C ALA B 10 -9.42 17.92 -11.08
N TYR B 11 -10.06 17.35 -12.10
CA TYR B 11 -10.38 18.09 -13.31
C TYR B 11 -11.69 18.85 -13.21
N SER B 12 -12.31 18.85 -12.05
CA SER B 12 -13.52 19.65 -11.80
C SER B 12 -13.79 19.67 -10.31
N GLY B 13 -14.76 20.46 -9.86
CA GLY B 13 -15.11 20.45 -8.45
C GLY B 13 -14.30 21.45 -7.63
N ALA B 14 -14.30 21.29 -6.31
CA ALA B 14 -13.69 22.27 -5.40
C ALA B 14 -12.18 22.25 -5.55
N TYR B 15 -11.65 21.15 -6.04
CA TYR B 15 -10.21 21.04 -6.31
C TYR B 15 -9.94 21.01 -7.81
N GLY B 16 -10.83 21.64 -8.58
CA GLY B 16 -10.67 21.74 -10.03
C GLY B 16 -9.57 22.71 -10.49
N PRO B 17 -9.32 22.76 -11.81
CA PRO B 17 -8.19 23.51 -12.34
C PRO B 17 -8.15 24.98 -11.87
N GLU B 18 -9.30 25.63 -11.76
CA GLU B 18 -9.28 27.03 -11.33
C GLU B 18 -8.68 27.16 -9.92
N HIS B 19 -8.67 26.06 -9.18
CA HIS B 19 -8.33 26.11 -7.76
C HIS B 19 -6.94 25.50 -7.45
N TRP B 20 -6.30 24.92 -8.46
CA TRP B 20 -5.02 24.24 -8.25
C TRP B 20 -4.02 25.17 -7.57
N VAL B 21 -4.07 26.44 -7.97
CA VAL B 21 -3.10 27.42 -7.47
C VAL B 21 -3.13 27.56 -5.95
N THR B 22 -4.30 27.31 -5.38
CA THR B 22 -4.46 27.39 -3.94
C THR B 22 -3.54 26.41 -3.22
N SER B 23 -3.26 25.27 -3.83
CA SER B 23 -2.37 24.32 -3.17
C SER B 23 -1.06 24.11 -3.89
N SER B 24 -1.01 24.55 -5.15
CA SER B 24 0.18 24.36 -5.96
C SER B 24 0.46 25.67 -6.68
N VAL B 25 1.19 26.56 -5.98
CA VAL B 25 1.25 27.95 -6.36
C VAL B 25 1.86 28.14 -7.74
N SER B 26 2.67 27.20 -8.19
CA SER B 26 3.27 27.38 -9.52
C SER B 26 2.23 27.25 -10.64
N CYS B 27 1.06 26.71 -10.34
CA CYS B 27 0.01 26.65 -11.37
C CYS B 27 -0.47 28.04 -11.68
N GLY B 28 -0.06 29.01 -10.88
CA GLY B 28 -0.40 30.40 -11.13
C GLY B 28 0.66 31.16 -11.91
N GLY B 29 1.66 30.47 -12.43
CA GLY B 29 2.77 31.12 -13.11
C GLY B 29 2.35 31.81 -14.41
N SER B 30 3.31 32.43 -15.09
CA SER B 30 3.03 33.19 -16.31
C SER B 30 3.63 32.49 -17.54
N HIS B 31 4.21 31.32 -17.32
CA HIS B 31 4.74 30.50 -18.38
C HIS B 31 4.03 29.16 -18.39
N GLN B 32 2.72 29.20 -18.33
CA GLN B 32 1.92 28.00 -18.11
C GLN B 32 1.50 27.35 -19.42
N SER B 33 1.13 26.07 -19.35
CA SER B 33 0.57 25.30 -20.45
C SER B 33 -0.78 24.70 -20.06
N PRO B 34 -1.65 24.40 -21.04
CA PRO B 34 -1.42 24.54 -22.47
C PRO B 34 -1.94 25.89 -23.02
N ILE B 35 -1.75 26.10 -24.31
CA ILE B 35 -2.10 27.36 -24.92
C ILE B 35 -2.78 27.13 -26.25
N ASP B 36 -3.49 28.16 -26.71
CA ASP B 36 -3.94 28.20 -28.09
C ASP B 36 -2.78 28.75 -28.91
N ILE B 37 -2.50 28.11 -30.03
CA ILE B 37 -1.40 28.53 -30.88
C ILE B 37 -1.94 29.22 -32.13
N LEU B 38 -1.71 30.53 -32.24
CA LEU B 38 -2.13 31.28 -33.44
C LEU B 38 -1.01 31.29 -34.46
N ASP B 39 -1.25 30.61 -35.57
CA ASP B 39 -0.19 30.30 -36.52
C ASP B 39 0.50 31.54 -37.05
N HIS B 40 -0.31 32.58 -37.28
CA HIS B 40 0.18 33.82 -37.86
C HIS B 40 1.07 34.62 -36.91
N HIS B 41 1.15 34.19 -35.66
CA HIS B 41 1.97 34.85 -34.65
C HIS B 41 3.23 34.05 -34.30
N ALA B 42 3.36 32.86 -34.88
CA ALA B 42 4.48 32.01 -34.57
C ALA B 42 5.65 32.36 -35.48
N ARG B 43 6.83 32.48 -34.89
CA ARG B 43 8.04 32.78 -35.67
C ARG B 43 8.61 31.54 -36.32
N VAL B 44 9.38 31.76 -37.36
CA VAL B 44 10.05 30.70 -38.10
C VAL B 44 11.48 30.43 -37.59
N TYR B 48 17.18 25.94 -36.47
CA TYR B 48 16.42 24.74 -36.09
C TYR B 48 16.90 23.48 -36.81
N GLN B 49 17.61 22.61 -36.11
CA GLN B 49 17.98 21.31 -36.69
C GLN B 49 16.73 20.51 -36.96
N GLU B 50 16.81 19.55 -37.88
CA GLU B 50 15.64 18.74 -38.18
C GLU B 50 15.27 17.87 -36.99
N LEU B 51 13.97 17.64 -36.81
CA LEU B 51 13.50 16.70 -35.81
C LEU B 51 13.93 15.30 -36.21
N GLN B 52 14.72 14.66 -35.37
CA GLN B 52 15.08 13.27 -35.64
C GLN B 52 14.56 12.39 -34.54
N LEU B 53 13.90 11.29 -34.93
CA LEU B 53 13.45 10.29 -33.98
C LEU B 53 14.39 9.11 -34.05
N ASP B 54 14.60 8.47 -32.91
CA ASP B 54 15.49 7.32 -32.87
C ASP B 54 14.79 6.28 -32.02
N GLY B 55 14.54 5.11 -32.60
CA GLY B 55 13.90 4.00 -31.89
C GLY B 55 12.39 3.90 -32.08
N PHE B 56 11.77 4.98 -32.58
CA PHE B 56 10.30 5.07 -32.68
C PHE B 56 9.64 4.02 -33.57
N ASP B 57 10.40 3.49 -34.53
CA ASP B 57 9.90 2.46 -35.44
C ASP B 57 10.07 1.04 -34.90
N ASN B 58 10.85 0.88 -33.84
CA ASN B 58 11.04 -0.44 -33.23
C ASN B 58 9.74 -0.87 -32.54
N GLU B 59 9.42 -2.16 -32.62
CA GLU B 59 8.28 -2.71 -31.90
C GLU B 59 8.44 -2.55 -30.42
N SER B 60 7.40 -2.13 -29.70
CA SER B 60 7.47 -2.04 -28.25
C SER B 60 7.64 -3.46 -27.66
N SER B 61 8.33 -3.56 -26.53
CA SER B 61 8.56 -4.85 -25.86
C SER B 61 7.36 -5.27 -25.03
N ASN B 62 7.32 -6.53 -24.62
CA ASN B 62 6.22 -7.07 -23.83
C ASN B 62 6.20 -6.55 -22.41
N LYS B 63 7.26 -5.85 -22.02
CA LYS B 63 7.35 -5.28 -20.69
C LYS B 63 6.64 -3.94 -20.61
N THR B 64 6.32 -3.35 -21.76
CA THR B 64 5.66 -2.05 -21.74
C THR B 64 4.24 -2.23 -21.18
N TRP B 65 3.83 -1.30 -20.32
CA TRP B 65 2.53 -1.46 -19.68
C TRP B 65 1.73 -0.16 -19.52
N MET B 66 0.45 -0.33 -19.23
CA MET B 66 -0.49 0.78 -19.19
C MET B 66 -1.18 0.81 -17.85
N LYS B 67 -1.37 2.02 -17.31
CA LYS B 67 -1.97 2.18 -16.00
C LYS B 67 -3.07 3.21 -16.03
N ASN B 68 -4.19 2.92 -15.37
CA ASN B 68 -5.21 3.97 -15.17
C ASN B 68 -4.80 4.72 -13.91
N THR B 69 -4.34 5.98 -14.04
CA THR B 69 -3.81 6.69 -12.84
C THR B 69 -4.88 7.44 -12.08
N GLY B 70 -6.11 7.42 -12.60
CA GLY B 70 -7.16 8.25 -12.01
C GLY B 70 -7.24 9.64 -12.64
N LYS B 71 -6.13 10.10 -13.23
CA LYS B 71 -6.11 11.40 -13.90
C LYS B 71 -6.11 11.24 -15.44
N THR B 72 -5.57 10.12 -15.88
CA THR B 72 -5.37 9.79 -17.28
C THR B 72 -5.07 8.29 -17.36
N VAL B 73 -4.89 7.79 -18.56
CA VAL B 73 -4.37 6.46 -18.73
C VAL B 73 -2.94 6.70 -19.20
N ALA B 74 -1.99 6.06 -18.51
CA ALA B 74 -0.57 6.26 -18.81
C ALA B 74 0.09 5.02 -19.38
N ILE B 75 0.97 5.22 -20.36
CA ILE B 75 1.77 4.12 -20.85
C ILE B 75 3.22 4.30 -20.37
N LEU B 76 3.67 3.37 -19.53
CA LEU B 76 5.05 3.33 -19.03
C LEU B 76 5.96 2.68 -20.05
N LEU B 77 6.78 3.46 -20.74
CA LEU B 77 7.57 2.90 -21.83
C LEU B 77 8.80 2.16 -21.31
N LYS B 78 9.10 1.00 -21.89
CA LYS B 78 10.17 0.16 -21.39
C LYS B 78 11.31 0.03 -22.39
N ASP B 79 11.10 0.55 -23.59
CA ASP B 79 12.15 0.62 -24.60
C ASP B 79 12.75 2.00 -24.65
N ASP B 80 13.84 2.10 -25.41
CA ASP B 80 14.58 3.32 -25.63
C ASP B 80 14.08 4.07 -26.89
N TYR B 81 13.48 5.23 -26.67
CA TYR B 81 13.07 6.11 -27.75
C TYR B 81 13.68 7.49 -27.48
N PHE B 82 14.27 8.08 -28.51
CA PHE B 82 15.00 9.32 -28.31
C PHE B 82 14.59 10.36 -29.34
N VAL B 83 14.66 11.63 -28.97
CA VAL B 83 14.37 12.67 -29.94
C VAL B 83 15.44 13.75 -29.81
N SER B 84 15.81 14.35 -30.95
CA SER B 84 16.75 15.45 -30.95
C SER B 84 16.41 16.41 -32.06
N GLY B 85 17.05 17.57 -32.07
CA GLY B 85 16.71 18.62 -33.00
C GLY B 85 15.61 19.52 -32.48
N ALA B 86 14.96 20.22 -33.41
CA ALA B 86 13.83 21.10 -33.11
C ALA B 86 14.11 22.05 -31.96
N GLY B 87 15.35 22.54 -31.87
CA GLY B 87 15.73 23.45 -30.81
C GLY B 87 16.00 22.83 -29.44
N LEU B 88 15.71 21.54 -29.27
CA LEU B 88 16.00 20.88 -28.00
C LEU B 88 17.50 20.86 -27.67
N PRO B 89 17.83 21.10 -26.39
CA PRO B 89 19.21 21.05 -25.88
C PRO B 89 19.65 19.63 -25.66
N GLY B 90 20.24 19.02 -26.67
CA GLY B 90 20.71 17.66 -26.54
C GLY B 90 19.63 16.65 -26.87
N ARG B 91 19.81 15.46 -26.31
CA ARG B 91 18.97 14.32 -26.66
C ARG B 91 17.96 14.12 -25.55
N PHE B 92 16.74 13.75 -25.94
CA PHE B 92 15.72 13.38 -24.98
C PHE B 92 15.20 11.96 -25.19
N LYS B 93 14.99 11.28 -24.07
CA LYS B 93 14.51 9.91 -24.02
C LYS B 93 13.09 9.88 -23.46
N ALA B 94 12.22 9.11 -24.08
CA ALA B 94 10.82 9.00 -23.66
C ALA B 94 10.63 8.16 -22.41
N GLU B 95 9.78 8.67 -21.53
CA GLU B 95 9.48 8.02 -20.25
C GLU B 95 8.08 7.42 -20.23
N LYS B 96 7.12 8.19 -20.68
CA LYS B 96 5.73 7.75 -20.66
C LYS B 96 4.87 8.49 -21.68
N VAL B 97 3.68 7.95 -21.92
CA VAL B 97 2.65 8.60 -22.75
C VAL B 97 1.39 8.77 -21.94
N GLU B 98 0.70 9.89 -22.14
CA GLU B 98 -0.55 10.15 -21.41
C GLU B 98 -1.59 10.73 -22.35
N PHE B 99 -2.85 10.64 -21.96
CA PHE B 99 -3.94 11.02 -22.86
C PHE B 99 -4.96 11.98 -22.23
N HIS B 100 -5.57 12.83 -23.08
CA HIS B 100 -6.61 13.75 -22.67
C HIS B 100 -7.79 13.67 -23.62
N TRP B 101 -9.01 13.61 -23.06
CA TRP B 101 -10.18 13.37 -23.86
C TRP B 101 -11.42 14.06 -23.33
N GLY B 102 -12.50 13.98 -24.09
CA GLY B 102 -13.72 14.68 -23.76
C GLY B 102 -14.72 13.76 -23.08
N HIS B 103 -15.97 13.78 -23.53
CA HIS B 103 -17.05 13.09 -22.81
C HIS B 103 -17.88 12.12 -23.66
N SER B 104 -18.11 12.44 -24.93
CA SER B 104 -18.91 11.60 -25.83
C SER B 104 -18.71 12.15 -27.23
N ASN B 105 -19.02 11.36 -28.26
CA ASN B 105 -19.21 11.93 -29.59
C ASN B 105 -18.09 12.82 -30.08
N GLY B 106 -16.86 12.52 -29.70
CA GLY B 106 -15.71 13.28 -30.18
C GLY B 106 -15.68 14.71 -29.69
N SER B 107 -16.32 14.99 -28.55
CA SER B 107 -16.25 16.34 -27.97
C SER B 107 -14.79 16.78 -27.72
N ALA B 108 -14.59 18.08 -27.48
CA ALA B 108 -13.27 18.66 -27.25
C ALA B 108 -12.60 17.95 -26.10
N GLY B 109 -11.40 17.45 -26.38
CA GLY B 109 -10.62 16.73 -25.39
C GLY B 109 -9.17 17.18 -25.30
N SER B 110 -8.72 17.99 -26.27
CA SER B 110 -7.31 18.39 -26.31
C SER B 110 -7.01 19.47 -25.27
N GLU B 111 -5.73 19.64 -24.97
CA GLU B 111 -5.28 20.67 -24.09
C GLU B 111 -4.88 21.88 -24.94
N HIS B 112 -3.98 21.66 -25.88
CA HIS B 112 -3.59 22.72 -26.80
C HIS B 112 -4.62 22.84 -27.90
N SER B 113 -4.62 23.97 -28.59
CA SER B 113 -5.40 24.12 -29.79
C SER B 113 -4.58 24.87 -30.81
N VAL B 114 -4.95 24.74 -32.09
CA VAL B 114 -4.30 25.51 -33.12
C VAL B 114 -5.33 26.38 -33.85
N ASN B 115 -5.08 27.68 -33.83
CA ASN B 115 -6.03 28.65 -34.39
C ASN B 115 -7.42 28.41 -33.82
N GLY B 116 -7.47 28.11 -32.53
CA GLY B 116 -8.73 27.88 -31.86
C GLY B 116 -9.27 26.46 -32.07
N ARG B 117 -8.58 25.66 -32.86
CA ARG B 117 -9.15 24.35 -33.10
C ARG B 117 -8.73 23.33 -32.06
N ARG B 118 -9.70 22.80 -31.32
CA ARG B 118 -9.45 21.69 -30.40
C ARG B 118 -9.73 20.33 -31.05
N PHE B 119 -9.35 19.24 -30.38
CA PHE B 119 -9.42 17.91 -30.97
C PHE B 119 -10.02 16.94 -29.92
N PRO B 120 -10.62 15.83 -30.37
CA PRO B 120 -11.27 14.87 -29.48
C PRO B 120 -10.28 14.23 -28.50
N VAL B 121 -9.01 14.08 -28.90
CA VAL B 121 -7.98 13.59 -27.99
C VAL B 121 -6.65 14.33 -28.15
N GLU B 122 -5.90 14.50 -27.05
CA GLU B 122 -4.50 14.87 -27.16
C GLU B 122 -3.61 13.85 -26.47
N MET B 123 -2.65 13.32 -27.20
CA MET B 123 -1.68 12.40 -26.65
C MET B 123 -0.39 13.16 -26.39
N GLN B 124 0.19 12.95 -25.21
CA GLN B 124 1.46 13.59 -24.85
C GLN B 124 2.50 12.55 -24.55
N ILE B 125 3.71 12.78 -25.06
CA ILE B 125 4.85 11.96 -24.68
C ILE B 125 5.86 12.77 -23.91
N PHE B 126 6.29 12.24 -22.76
CA PHE B 126 7.18 12.97 -21.88
C PHE B 126 8.61 12.42 -21.92
N PHE B 127 9.58 13.32 -21.97
CA PHE B 127 10.98 12.97 -22.18
C PHE B 127 11.90 13.62 -21.12
N TYR B 128 13.06 13.03 -20.91
CA TYR B 128 14.10 13.67 -20.10
C TYR B 128 15.43 13.45 -20.78
N ASN B 129 16.42 14.28 -20.47
CA ASN B 129 17.73 14.07 -21.03
C ASN B 129 18.47 13.01 -20.23
N PRO B 130 18.74 11.86 -20.85
CA PRO B 130 19.20 10.68 -20.12
C PRO B 130 20.66 10.81 -19.77
N ASP B 131 21.33 11.73 -20.47
CA ASP B 131 22.74 11.93 -20.26
C ASP B 131 22.95 12.86 -19.07
N ASP B 132 22.15 13.91 -19.00
CA ASP B 132 22.26 14.86 -17.91
C ASP B 132 21.71 14.27 -16.62
N PHE B 133 20.73 13.37 -16.74
CA PHE B 133 20.06 12.85 -15.56
C PHE B 133 19.74 11.37 -15.69
N ASP B 134 19.82 10.66 -14.57
CA ASP B 134 19.69 9.21 -14.62
C ASP B 134 18.24 8.72 -14.72
N SER B 135 17.27 9.60 -14.49
CA SER B 135 15.84 9.25 -14.54
C SER B 135 14.91 10.46 -14.70
N PHE B 136 13.73 10.22 -15.26
CA PHE B 136 12.69 11.22 -15.39
C PHE B 136 12.30 11.83 -14.05
N GLN B 137 12.25 11.02 -13.00
CA GLN B 137 11.78 11.53 -11.71
C GLN B 137 12.76 12.49 -11.08
N THR B 138 14.06 12.23 -11.24
CA THR B 138 15.05 13.18 -10.74
C THR B 138 14.90 14.52 -11.50
N ALA B 139 14.94 14.46 -12.83
CA ALA B 139 14.65 15.64 -13.66
C ALA B 139 13.48 16.42 -13.09
N ILE B 140 12.34 15.76 -12.91
CA ILE B 140 11.21 16.44 -12.30
C ILE B 140 11.60 17.10 -10.98
N SER B 141 12.26 16.33 -10.11
CA SER B 141 12.73 16.79 -8.80
C SER B 141 13.55 18.08 -8.87
N GLU B 142 14.61 18.06 -9.67
CA GLU B 142 15.46 19.23 -9.84
C GLU B 142 14.85 20.36 -10.68
N ASN B 143 13.59 20.23 -11.09
CA ASN B 143 13.00 21.20 -12.02
C ASN B 143 13.91 21.37 -13.21
N ARG B 144 14.49 20.26 -13.64
CA ARG B 144 15.28 20.23 -14.86
C ARG B 144 14.39 20.39 -16.06
N ILE B 145 14.98 20.76 -17.19
CA ILE B 145 14.21 20.78 -18.42
C ILE B 145 13.70 19.37 -18.77
N ILE B 146 12.44 19.27 -19.15
CA ILE B 146 11.95 18.02 -19.73
C ILE B 146 11.29 18.32 -21.08
N GLY B 147 11.24 17.32 -21.93
CA GLY B 147 10.63 17.47 -23.24
C GLY B 147 9.23 16.89 -23.25
N ALA B 148 8.35 17.48 -24.06
CA ALA B 148 7.00 16.94 -24.23
C ALA B 148 6.56 17.10 -25.69
N MET B 149 6.07 16.02 -26.31
CA MET B 149 5.37 16.10 -27.61
C MET B 149 3.87 16.09 -27.39
N ALA B 150 3.15 16.98 -28.04
CA ALA B 150 1.70 16.91 -28.06
C ALA B 150 1.25 16.46 -29.45
N ILE B 151 0.43 15.40 -29.51
CA ILE B 151 -0.11 14.87 -30.77
C ILE B 151 -1.63 14.90 -30.70
N PHE B 152 -2.28 15.50 -31.70
CA PHE B 152 -3.74 15.55 -31.72
C PHE B 152 -4.28 14.32 -32.45
N PHE B 153 -5.44 13.84 -32.01
CA PHE B 153 -6.18 12.80 -32.72
C PHE B 153 -7.38 13.45 -33.36
N GLN B 154 -7.71 13.03 -34.57
CA GLN B 154 -8.84 13.59 -35.30
C GLN B 154 -9.79 12.50 -35.74
N VAL B 155 -11.10 12.77 -35.59
CA VAL B 155 -12.14 11.82 -35.98
C VAL B 155 -11.96 11.31 -37.41
N SER B 156 -12.24 10.02 -37.61
CA SER B 156 -12.00 9.32 -38.86
C SER B 156 -13.14 8.30 -39.05
N PRO B 157 -13.56 8.05 -40.32
CA PRO B 157 -14.70 7.17 -40.56
C PRO B 157 -14.47 5.72 -40.11
N ARG B 158 -13.23 5.28 -40.16
CA ARG B 158 -12.90 3.90 -39.82
C ARG B 158 -11.79 3.86 -38.78
N ASP B 159 -11.72 2.74 -38.05
CA ASP B 159 -10.69 2.48 -37.06
C ASP B 159 -9.29 2.72 -37.62
N ASN B 160 -8.47 3.39 -36.83
CA ASN B 160 -7.03 3.46 -37.08
C ASN B 160 -6.34 2.24 -36.47
N SER B 161 -5.98 1.27 -37.31
CA SER B 161 -5.40 0.02 -36.83
C SER B 161 -4.18 0.23 -35.98
N ALA B 162 -3.50 1.35 -36.17
CA ALA B 162 -2.23 1.63 -35.49
C ALA B 162 -2.49 1.79 -34.00
N LEU B 163 -3.71 2.21 -33.68
CA LEU B 163 -4.15 2.42 -32.30
C LEU B 163 -4.68 1.13 -31.66
N ASP B 164 -4.80 0.07 -32.43
CA ASP B 164 -5.43 -1.15 -31.89
C ASP B 164 -4.94 -1.57 -30.50
N PRO B 165 -3.61 -1.70 -30.33
CA PRO B 165 -3.10 -2.18 -29.05
C PRO B 165 -3.39 -1.19 -27.92
N ILE B 166 -3.37 0.10 -28.23
CA ILE B 166 -3.70 1.06 -27.20
C ILE B 166 -5.20 0.98 -26.82
N ILE B 167 -6.07 0.88 -27.82
CA ILE B 167 -7.52 0.78 -27.56
C ILE B 167 -7.82 -0.51 -26.80
N HIS B 168 -7.14 -1.58 -27.18
CA HIS B 168 -7.35 -2.86 -26.50
C HIS B 168 -6.91 -2.71 -25.03
N GLY B 169 -5.78 -2.06 -24.82
CA GLY B 169 -5.32 -1.82 -23.47
C GLY B 169 -6.31 -1.01 -22.65
N LEU B 170 -6.94 0.00 -23.25
CA LEU B 170 -7.89 0.83 -22.51
C LEU B 170 -9.00 -0.04 -21.96
N LYS B 171 -9.39 -1.03 -22.74
CA LYS B 171 -10.47 -1.93 -22.33
C LYS B 171 -10.14 -2.72 -21.06
N GLY B 172 -8.84 -2.89 -20.84
CA GLY B 172 -8.38 -3.62 -19.68
C GLY B 172 -8.08 -2.76 -18.48
N VAL B 173 -8.21 -1.43 -18.58
CA VAL B 173 -7.92 -0.60 -17.39
C VAL B 173 -9.05 0.37 -17.06
N VAL B 174 -10.27 -0.14 -17.04
CA VAL B 174 -11.45 0.70 -16.86
C VAL B 174 -11.42 1.47 -15.54
N HIS B 175 -10.92 0.84 -14.48
CA HIS B 175 -10.94 1.51 -13.18
C HIS B 175 -9.61 2.10 -12.69
N HIS B 176 -9.73 3.12 -11.85
CA HIS B 176 -8.58 3.72 -11.20
C HIS B 176 -7.70 2.62 -10.59
N GLU B 177 -6.40 2.66 -10.90
CA GLU B 177 -5.37 1.74 -10.42
C GLU B 177 -5.20 0.45 -11.22
N LYS B 178 -6.13 0.13 -12.14
CA LYS B 178 -5.90 -1.08 -12.92
C LYS B 178 -4.68 -0.90 -13.80
N GLU B 179 -3.96 -1.98 -14.03
CA GLU B 179 -2.81 -1.97 -14.93
C GLU B 179 -2.94 -3.12 -15.93
N THR B 180 -2.29 -2.98 -17.08
CA THR B 180 -2.24 -4.08 -18.05
C THR B 180 -0.99 -4.01 -18.91
N PHE B 181 -0.49 -5.16 -19.34
CA PHE B 181 0.50 -5.19 -20.40
C PHE B 181 -0.23 -4.94 -21.71
N LEU B 182 0.50 -4.47 -22.71
CA LEU B 182 -0.04 -4.13 -24.02
C LEU B 182 0.53 -5.07 -25.09
N ASP B 183 -0.23 -5.23 -26.17
CA ASP B 183 0.27 -5.89 -27.36
C ASP B 183 1.32 -4.96 -27.97
N PRO B 184 2.30 -5.52 -28.67
CA PRO B 184 3.35 -4.67 -29.24
C PRO B 184 2.79 -3.57 -30.16
N PHE B 185 3.38 -2.39 -30.12
CA PHE B 185 2.93 -1.30 -30.99
C PHE B 185 4.14 -0.50 -31.49
N ILE B 186 3.93 0.30 -32.53
CA ILE B 186 5.00 1.12 -33.10
C ILE B 186 4.78 2.55 -32.66
N LEU B 187 5.63 3.01 -31.76
CA LEU B 187 5.48 4.36 -31.27
C LEU B 187 5.37 5.36 -32.43
N ARG B 188 6.14 5.13 -33.49
CA ARG B 188 6.10 6.03 -34.64
C ARG B 188 4.67 6.20 -35.16
N ASP B 189 3.89 5.13 -35.07
CA ASP B 189 2.57 5.14 -35.69
C ASP B 189 1.52 5.79 -34.80
N LEU B 190 1.92 6.34 -33.66
CA LEU B 190 0.99 7.14 -32.90
C LEU B 190 1.30 8.61 -33.14
N LEU B 191 2.32 8.87 -33.95
CA LEU B 191 2.64 10.25 -34.36
C LEU B 191 2.02 10.52 -35.73
N PRO B 192 1.84 11.80 -36.09
CA PRO B 192 1.26 12.12 -37.39
C PRO B 192 2.13 11.62 -38.53
N ALA B 193 1.47 11.32 -39.65
CA ALA B 193 2.14 10.83 -40.83
C ALA B 193 3.25 11.77 -41.24
N SER B 194 3.00 13.08 -41.20
CA SER B 194 3.98 14.12 -41.51
C SER B 194 4.45 14.83 -40.23
N LEU B 195 5.74 14.70 -39.94
CA LEU B 195 6.37 15.36 -38.80
C LEU B 195 6.91 16.77 -39.16
N GLY B 196 6.76 17.17 -40.41
CA GLY B 196 7.37 18.40 -40.88
C GLY B 196 6.97 19.66 -40.14
N SER B 197 5.66 19.81 -39.93
CA SER B 197 5.05 21.00 -39.32
C SER B 197 4.82 20.78 -37.86
N TYR B 198 5.44 21.59 -37.01
CA TYR B 198 5.20 21.53 -35.58
C TYR B 198 5.47 22.90 -35.01
N TYR B 199 5.02 23.11 -33.79
CA TYR B 199 5.29 24.35 -33.09
C TYR B 199 6.19 24.04 -31.91
N ARG B 200 6.91 25.07 -31.45
CA ARG B 200 7.78 24.93 -30.28
C ARG B 200 7.58 26.11 -29.34
N TYR B 201 7.42 25.84 -28.06
CA TYR B 201 7.46 26.91 -27.06
C TYR B 201 7.86 26.35 -25.71
N THR B 202 8.08 27.27 -24.76
CA THR B 202 8.47 26.91 -23.41
C THR B 202 7.27 27.11 -22.52
N GLY B 203 6.94 26.07 -21.74
CA GLY B 203 5.72 26.14 -20.96
C GLY B 203 5.89 25.23 -19.78
N SER B 204 4.80 24.59 -19.37
CA SER B 204 4.80 23.90 -18.08
C SER B 204 4.13 22.53 -18.19
N LEU B 205 4.26 21.75 -17.13
CA LEU B 205 3.36 20.62 -16.91
C LEU B 205 1.90 21.15 -16.91
N THR B 206 0.98 20.38 -17.45
CA THR B 206 -0.44 20.79 -17.46
C THR B 206 -1.20 20.15 -16.29
N THR B 207 -0.46 19.63 -15.31
CA THR B 207 -1.05 19.18 -14.06
C THR B 207 -0.15 19.67 -12.89
N PRO B 208 -0.72 19.77 -11.68
CA PRO B 208 0.12 20.13 -10.53
C PRO B 208 1.30 19.17 -10.48
N PRO B 209 2.51 19.66 -10.13
CA PRO B 209 2.71 21.03 -9.65
C PRO B 209 2.85 22.13 -10.73
N CYS B 210 2.49 21.86 -11.99
CA CYS B 210 2.56 22.88 -13.06
C CYS B 210 3.95 23.51 -13.29
N SER B 211 5.02 22.76 -13.04
CA SER B 211 6.37 23.29 -13.14
C SER B 211 6.63 23.85 -14.54
N GLU B 212 7.32 25.00 -14.62
CA GLU B 212 7.58 25.70 -15.89
C GLU B 212 8.92 25.28 -16.47
N ILE B 213 9.04 23.98 -16.69
CA ILE B 213 10.25 23.37 -17.19
C ILE B 213 10.08 22.65 -18.54
N VAL B 214 8.96 22.84 -19.21
CA VAL B 214 8.67 22.03 -20.40
C VAL B 214 8.96 22.67 -21.77
N GLU B 215 9.79 21.97 -22.55
CA GLU B 215 9.93 22.30 -23.96
C GLU B 215 8.91 21.47 -24.73
N TRP B 216 7.93 22.17 -25.28
CA TRP B 216 6.79 21.54 -25.93
C TRP B 216 7.06 21.45 -27.42
N ILE B 217 6.68 20.31 -27.99
CA ILE B 217 6.68 20.10 -29.42
C ILE B 217 5.25 19.72 -29.76
N VAL B 218 4.54 20.65 -30.36
CA VAL B 218 3.17 20.43 -30.74
C VAL B 218 3.04 20.20 -32.25
N PHE B 219 2.68 18.97 -32.63
CA PHE B 219 2.62 18.60 -34.03
C PHE B 219 1.35 19.15 -34.62
N ARG B 220 1.45 19.63 -35.86
CA ARG B 220 0.37 20.36 -36.51
C ARG B 220 -0.69 19.44 -37.06
N ARG B 221 -0.24 18.33 -37.66
CA ARG B 221 -1.16 17.40 -38.32
C ARG B 221 -1.59 16.35 -37.30
N PRO B 222 -2.90 16.01 -37.28
CA PRO B 222 -3.41 15.01 -36.31
C PRO B 222 -3.27 13.57 -36.79
N VAL B 223 -3.48 12.64 -35.85
CA VAL B 223 -3.57 11.21 -36.12
C VAL B 223 -5.06 10.80 -36.09
N PRO B 224 -5.52 9.92 -37.03
CA PRO B 224 -6.94 9.61 -37.14
C PRO B 224 -7.42 8.64 -36.07
N ILE B 225 -8.67 8.78 -35.64
CA ILE B 225 -9.26 7.83 -34.69
C ILE B 225 -10.75 7.77 -34.94
N SER B 226 -11.35 6.59 -34.85
CA SER B 226 -12.77 6.49 -35.17
C SER B 226 -13.60 6.75 -33.93
N TYR B 227 -14.89 7.06 -34.12
CA TYR B 227 -15.84 7.15 -33.01
C TYR B 227 -15.91 5.83 -32.21
N HIS B 228 -15.77 4.71 -32.88
CA HIS B 228 -15.79 3.44 -32.17
C HIS B 228 -14.58 3.38 -31.22
N GLN B 229 -13.40 3.71 -31.74
CA GLN B 229 -12.21 3.69 -30.90
C GLN B 229 -12.31 4.67 -29.74
N LEU B 230 -12.88 5.84 -30.00
CA LEU B 230 -13.04 6.85 -28.94
C LEU B 230 -13.86 6.34 -27.77
N GLU B 231 -14.81 5.45 -28.07
CA GLU B 231 -15.69 4.92 -27.03
C GLU B 231 -14.85 4.31 -25.90
N ALA B 232 -13.65 3.85 -26.24
CA ALA B 232 -12.82 3.16 -25.25
C ALA B 232 -12.29 4.15 -24.21
N PHE B 233 -11.98 5.38 -24.65
CA PHE B 233 -11.60 6.46 -23.73
C PHE B 233 -12.78 6.86 -22.87
N TYR B 234 -13.96 7.04 -23.49
CA TYR B 234 -15.14 7.45 -22.74
C TYR B 234 -15.60 6.40 -21.71
N SER B 235 -15.20 5.15 -21.93
CA SER B 235 -15.60 4.06 -21.02
C SER B 235 -14.72 3.97 -19.76
N ILE B 236 -13.72 4.85 -19.64
CA ILE B 236 -12.81 4.84 -18.48
C ILE B 236 -13.46 5.51 -17.24
N PHE B 237 -13.18 4.98 -16.06
CA PHE B 237 -13.63 5.56 -14.78
C PHE B 237 -12.47 6.04 -13.92
N THR B 238 -12.78 6.88 -12.95
CA THR B 238 -11.79 7.26 -11.97
C THR B 238 -12.47 7.21 -10.62
N THR B 239 -11.86 7.83 -9.62
CA THR B 239 -12.46 8.00 -8.29
C THR B 239 -12.16 9.42 -7.84
N GLU B 240 -13.01 9.97 -6.98
CA GLU B 240 -12.78 11.31 -6.48
C GLU B 240 -13.06 11.31 -5.02
N GLN B 241 -12.59 12.35 -4.33
CA GLN B 241 -12.79 12.46 -2.90
C GLN B 241 -13.62 13.65 -2.51
N GLN B 242 -14.49 13.43 -1.54
CA GLN B 242 -15.10 14.53 -0.80
C GLN B 242 -14.79 14.21 0.67
N ASP B 243 -15.27 15.04 1.60
CA ASP B 243 -14.95 14.85 3.01
C ASP B 243 -15.33 13.43 3.46
N HIS B 244 -14.33 12.58 3.72
CA HIS B 244 -14.61 11.20 4.14
C HIS B 244 -15.47 10.35 3.18
N VAL B 245 -15.51 10.72 1.90
CA VAL B 245 -16.10 9.81 0.93
C VAL B 245 -15.26 9.70 -0.31
N LYS B 246 -15.18 8.48 -0.85
CA LYS B 246 -14.52 8.24 -2.11
C LYS B 246 -15.60 7.72 -3.05
N SER B 247 -15.62 8.18 -4.30
CA SER B 247 -16.66 7.80 -5.22
C SER B 247 -16.11 7.35 -6.56
N VAL B 248 -16.82 6.45 -7.22
CA VAL B 248 -16.45 6.06 -8.57
C VAL B 248 -17.12 6.96 -9.60
N GLU B 249 -16.32 7.63 -10.44
CA GLU B 249 -16.82 8.64 -11.39
C GLU B 249 -16.30 8.39 -12.79
N TYR B 250 -17.05 8.84 -13.78
CA TYR B 250 -16.54 8.81 -15.13
C TYR B 250 -15.23 9.57 -15.16
N LEU B 251 -14.27 9.11 -15.94
CA LEU B 251 -13.08 9.90 -16.20
C LEU B 251 -13.32 10.55 -17.57
N ARG B 252 -13.59 11.82 -17.54
CA ARG B 252 -13.98 12.50 -18.74
C ARG B 252 -13.49 13.95 -18.66
N ASN B 253 -13.31 14.55 -19.83
CA ASN B 253 -12.94 15.97 -19.93
C ASN B 253 -11.71 16.21 -19.07
N ASN B 254 -10.76 15.30 -19.16
CA ASN B 254 -9.57 15.39 -18.30
C ASN B 254 -8.50 16.29 -18.92
N PHE B 255 -8.83 17.56 -19.10
CA PHE B 255 -7.91 18.48 -19.71
C PHE B 255 -7.86 19.76 -18.90
N ARG B 256 -6.72 20.44 -18.97
CA ARG B 256 -6.58 21.70 -18.27
C ARG B 256 -6.97 22.85 -19.18
N PRO B 257 -7.67 23.86 -18.65
CA PRO B 257 -8.00 25.02 -19.49
C PRO B 257 -6.75 25.72 -19.97
N GLN B 258 -6.87 26.50 -21.04
CA GLN B 258 -5.71 27.11 -21.65
C GLN B 258 -5.26 28.35 -20.90
N GLN B 259 -4.00 28.72 -21.12
CA GLN B 259 -3.31 29.71 -20.28
C GLN B 259 -2.79 30.86 -21.15
N ALA B 260 -2.37 31.97 -20.53
CA ALA B 260 -1.93 33.15 -21.29
C ALA B 260 -0.49 33.02 -21.79
N LEU B 261 -0.24 33.46 -23.03
CA LEU B 261 1.10 33.40 -23.61
C LEU B 261 2.10 34.28 -22.89
N ASN B 262 1.64 35.47 -22.50
CA ASN B 262 2.50 36.50 -21.92
C ASN B 262 3.71 36.83 -22.79
N ASP B 263 4.89 36.73 -22.20
CA ASP B 263 6.11 37.20 -22.87
C ASP B 263 6.66 36.23 -23.92
N ARG B 264 5.99 35.11 -24.09
CA ARG B 264 6.53 34.04 -24.92
C ARG B 264 6.11 34.17 -26.36
N VAL B 265 6.97 33.70 -27.25
CA VAL B 265 6.56 33.51 -28.62
C VAL B 265 6.60 32.03 -28.90
N VAL B 266 5.74 31.61 -29.84
CA VAL B 266 5.76 30.28 -30.36
C VAL B 266 6.57 30.24 -31.64
N SER B 267 7.41 29.22 -31.76
CA SER B 267 8.15 29.01 -32.98
C SER B 267 7.43 27.95 -33.76
N LYS B 268 7.61 28.00 -35.07
CA LYS B 268 6.84 27.16 -35.96
C LYS B 268 7.83 26.70 -37.02
N SER B 269 7.91 25.39 -37.22
CA SER B 269 8.82 24.84 -38.20
C SER B 269 8.19 24.89 -39.58
#